data_4W5N
#
_entry.id   4W5N
#
_cell.length_a   63.117
_cell.length_b   108.870
_cell.length_c   68.071
_cell.angle_alpha   90.00
_cell.angle_beta   106.93
_cell.angle_gamma   90.00
#
_symmetry.space_group_name_H-M   'P 1 21 1'
#
loop_
_entity.id
_entity.type
_entity.pdbx_description
1 polymer 'Protein argonaute-2'
2 polymer "RNA (5'-R(P*UP*UP*CP*AP*CP*AP*UP*UP*CP*AP*AP*GP*UP*CP*UP*CP*UP*U)-3')"
3 non-polymer PHENOL
4 non-polymer 'MAGNESIUM ION'
5 water water
#
loop_
_entity_poly.entity_id
_entity_poly.type
_entity_poly.pdbx_seq_one_letter_code
_entity_poly.pdbx_strand_id
1 'polypeptide(L)'
;MYSGAGPALAPPAPPPPIQGYAFKPPPRPDFGTSGRTIKLQANFFEMDIPKIDIYHYELDIKPEKCPRRVNREIVEHMVQ
HFKTQIFGDRKPVFDGRKNLYTAMPLPIGRDKVELEVTLPGEGKDRIFKVSIKWVSCVSLQALHDALSGRLPSVPFETIQ
ALDVVMRHLPSMRYTPVGRSFFTASEGCSNPLGGGREVWFGFHQSVRPSLWKMMLNIDVSATAFYKAQPVIEFVCEVLDF
KSIEEQQKPLTDSQRVKFTKEIKGLKVEITHCGQMKRKYRVCNVTRRPASHQTFPLQQESGQTVECTVAQYFKDRHKLVL
RYPHLPCLQVGQEQKHTYLPLEVCNIVAGQRCIKKLTDNQTSTMIRATARSAPDRQEEISKLMRSADFNTDPYVREFGIM
VKDEMTDVTGRVLQPPSILYGGRNKAIATPVQGVWDMRNKQFHTGIEIKVWAIACFAPQRQCTEVHLKSFTEQLRKISRD
AGMPIQGQPCFCKYAQGADSVEPMFRHLKNTYAGLQLVVVILPGKTPVYAEVKRVGDTVLGMATQCVQMKNVQRTTPQTL
SNLCLKINVKLGGVNNILLPQGRPPVFQQPVIFLGADVTHPPAGDGKKPSIAAVVGSMDAHPNRYCATVRVQQHRQEIIQ
DLAAMVRELLIQFYKSTRFKPTRIIFYRDGVSEGQFQQVLHHELLAIREACIKLEKDYQPGITFIVVQKRHHTRLFCTDK
NERVGKSGNIPAGTTVDTKITHPTEFDFYLCSHAGIQGTSRPSHYHVLWDDNRFSSDELQILTYQLCHTYVRCTRSVSIP
APAYYAHLVAFRARYHLVDKEHDSAEGSHTSGQSNGRDHQALAKAVQVHQDTLRTMYFA
;
A
2 'polyribonucleotide' UUCACAUUGCCCAAGUCUCUU B
#
# COMPACT_ATOMS: atom_id res chain seq x y z
N ALA A 22 -22.72 14.39 -9.38
CA ALA A 22 -21.72 13.93 -8.42
C ALA A 22 -21.95 12.47 -8.05
N PHE A 23 -22.55 11.72 -8.97
CA PHE A 23 -22.92 10.33 -8.70
C PHE A 23 -22.32 9.33 -9.69
N LYS A 24 -22.24 9.71 -10.95
CA LYS A 24 -21.80 8.78 -11.98
C LYS A 24 -20.57 9.26 -12.76
N PRO A 25 -19.51 8.44 -12.79
CA PRO A 25 -18.28 8.71 -13.55
C PRO A 25 -18.57 8.96 -15.03
N PRO A 26 -17.77 9.83 -15.68
CA PRO A 26 -17.99 10.15 -17.10
C PRO A 26 -17.62 8.99 -18.00
N PRO A 27 -18.27 8.90 -19.18
CA PRO A 27 -17.87 7.89 -20.15
C PRO A 27 -16.56 8.26 -20.79
N ARG A 28 -15.89 7.30 -21.42
CA ARG A 28 -14.66 7.58 -22.13
C ARG A 28 -14.92 8.55 -23.28
N PRO A 29 -14.14 9.63 -23.35
CA PRO A 29 -14.32 10.61 -24.43
C PRO A 29 -13.81 10.10 -25.77
N ASP A 30 -12.58 9.60 -25.76
CA ASP A 30 -11.96 9.01 -26.94
C ASP A 30 -10.79 8.14 -26.50
N PHE A 31 -9.94 7.74 -27.44
CA PHE A 31 -8.81 6.88 -27.13
C PHE A 31 -7.45 7.56 -27.22
N GLY A 32 -7.36 8.61 -28.02
CA GLY A 32 -6.13 9.36 -28.14
C GLY A 32 -5.11 8.68 -29.03
N THR A 33 -4.30 9.47 -29.71
CA THR A 33 -3.40 8.98 -30.72
C THR A 33 -1.93 9.26 -30.54
N SER A 34 -1.55 9.93 -29.46
CA SER A 34 -0.20 10.40 -29.24
C SER A 34 0.76 9.34 -28.85
N GLY A 35 2.01 9.51 -29.21
CA GLY A 35 3.02 8.55 -28.89
C GLY A 35 3.17 7.57 -29.99
N ARG A 36 4.24 6.82 -29.95
CA ARG A 36 4.52 5.86 -30.98
C ARG A 36 4.26 4.48 -30.45
N THR A 37 3.63 3.67 -31.27
CA THR A 37 3.12 2.38 -30.87
C THR A 37 4.17 1.41 -30.44
N ILE A 38 3.79 0.56 -29.51
CA ILE A 38 4.67 -0.44 -29.01
C ILE A 38 3.79 -1.63 -28.83
N LYS A 39 4.33 -2.84 -28.91
CA LYS A 39 3.54 -4.03 -28.83
C LYS A 39 3.74 -4.60 -27.49
N LEU A 40 2.67 -4.92 -26.81
CA LEU A 40 2.73 -5.34 -25.44
C LEU A 40 1.87 -6.52 -25.24
N GLN A 41 2.13 -7.25 -24.17
CA GLN A 41 1.28 -8.33 -23.66
C GLN A 41 0.98 -8.06 -22.18
N ALA A 42 -0.26 -8.30 -21.77
CA ALA A 42 -0.71 -8.00 -20.43
C ALA A 42 -1.12 -9.23 -19.78
N ASN A 43 -0.91 -9.36 -18.50
CA ASN A 43 -1.23 -10.59 -17.83
C ASN A 43 -2.73 -10.68 -17.64
N PHE A 44 -3.41 -10.54 -18.76
CA PHE A 44 -4.86 -10.72 -18.84
C PHE A 44 -5.14 -11.82 -19.84
N PHE A 45 -5.95 -12.80 -19.44
CA PHE A 45 -6.25 -13.93 -20.30
C PHE A 45 -7.73 -13.96 -20.66
N GLU A 46 -8.01 -13.94 -21.96
CA GLU A 46 -9.38 -13.88 -22.46
C GLU A 46 -10.22 -15.06 -21.98
N MET A 47 -11.48 -14.80 -21.66
CA MET A 47 -12.38 -15.83 -21.18
C MET A 47 -13.56 -16.02 -22.15
N ASP A 48 -13.86 -17.27 -22.47
CA ASP A 48 -15.00 -17.59 -23.31
C ASP A 48 -16.17 -18.01 -22.42
N ILE A 49 -17.16 -17.15 -22.32
CA ILE A 49 -18.31 -17.40 -21.46
C ILE A 49 -19.53 -17.80 -22.28
N PRO A 50 -20.20 -18.89 -21.87
CA PRO A 50 -21.42 -19.34 -22.53
C PRO A 50 -22.56 -18.33 -22.38
N LYS A 51 -23.61 -18.50 -23.17
CA LYS A 51 -24.73 -17.57 -23.18
C LYS A 51 -25.81 -18.01 -22.19
N ILE A 52 -25.55 -19.11 -21.49
CA ILE A 52 -26.52 -19.73 -20.60
C ILE A 52 -26.84 -18.90 -19.36
N ASP A 53 -27.79 -19.37 -18.60
CA ASP A 53 -28.23 -18.73 -17.42
C ASP A 53 -27.74 -19.60 -16.33
N ILE A 54 -27.35 -19.01 -15.22
CA ILE A 54 -26.88 -19.80 -14.12
C ILE A 54 -27.63 -19.43 -12.90
N TYR A 55 -27.64 -20.33 -11.93
CA TYR A 55 -28.60 -20.29 -10.88
C TYR A 55 -28.01 -20.05 -9.54
N HIS A 56 -28.61 -19.12 -8.86
CA HIS A 56 -28.10 -18.54 -7.65
C HIS A 56 -28.87 -18.92 -6.46
N TYR A 57 -28.22 -19.45 -5.45
CA TYR A 57 -28.91 -19.88 -4.27
C TYR A 57 -28.30 -19.22 -3.10
N GLU A 58 -29.03 -19.06 -2.02
CA GLU A 58 -28.53 -18.38 -0.87
C GLU A 58 -28.43 -19.39 0.20
N LEU A 59 -27.49 -19.27 1.12
CA LEU A 59 -27.35 -20.28 2.16
C LEU A 59 -27.41 -19.71 3.55
N ASP A 60 -28.27 -20.27 4.39
CA ASP A 60 -28.33 -19.91 5.80
C ASP A 60 -27.70 -21.00 6.64
N ILE A 61 -26.45 -20.78 7.03
CA ILE A 61 -25.71 -21.74 7.85
C ILE A 61 -25.80 -21.40 9.33
N LYS A 62 -26.14 -22.39 10.15
CA LYS A 62 -26.24 -22.20 11.60
C LYS A 62 -25.27 -23.11 12.34
N PRO A 63 -24.36 -22.54 13.14
CA PRO A 63 -24.18 -21.11 13.41
C PRO A 63 -23.64 -20.32 12.22
N GLU A 64 -23.87 -19.01 12.23
CA GLU A 64 -23.58 -18.16 11.07
C GLU A 64 -22.31 -17.34 11.24
N LYS A 65 -21.61 -17.56 12.36
CA LYS A 65 -20.41 -16.78 12.66
C LYS A 65 -19.13 -17.56 12.39
N CYS A 66 -19.26 -18.65 11.63
CA CYS A 66 -18.11 -19.48 11.29
C CYS A 66 -17.32 -18.88 10.13
N PRO A 67 -15.99 -18.94 10.20
CA PRO A 67 -15.11 -18.44 9.14
C PRO A 67 -15.33 -19.17 7.82
N ARG A 68 -14.93 -18.56 6.70
CA ARG A 68 -15.22 -19.10 5.37
C ARG A 68 -14.67 -20.50 5.16
N ARG A 69 -13.47 -20.77 5.68
CA ARG A 69 -12.85 -22.07 5.49
C ARG A 69 -13.73 -23.18 6.04
N VAL A 70 -14.28 -22.96 7.23
CA VAL A 70 -15.15 -23.94 7.86
C VAL A 70 -16.43 -24.12 7.05
N ASN A 71 -17.04 -23.00 6.65
CA ASN A 71 -18.26 -23.04 5.85
C ASN A 71 -18.04 -23.80 4.54
N ARG A 72 -16.88 -23.59 3.94
CA ARG A 72 -16.54 -24.25 2.70
C ARG A 72 -16.53 -25.77 2.86
N GLU A 73 -16.00 -26.24 3.99
CA GLU A 73 -15.96 -27.68 4.25
C GLU A 73 -17.36 -28.20 4.51
N ILE A 74 -18.14 -27.44 5.28
CA ILE A 74 -19.53 -27.80 5.55
C ILE A 74 -20.32 -27.96 4.26
N VAL A 75 -20.18 -26.98 3.37
CA VAL A 75 -20.88 -26.99 2.09
C VAL A 75 -20.39 -28.12 1.20
N GLU A 76 -19.08 -28.37 1.22
CA GLU A 76 -18.48 -29.45 0.44
C GLU A 76 -18.98 -30.83 0.88
N HIS A 77 -19.07 -31.04 2.19
CA HIS A 77 -19.68 -32.24 2.74
C HIS A 77 -21.18 -32.30 2.47
N MET A 78 -21.83 -31.14 2.53
CA MET A 78 -23.28 -31.07 2.32
C MET A 78 -23.64 -31.51 0.91
N VAL A 79 -22.81 -31.13 -0.05
CA VAL A 79 -23.05 -31.45 -1.45
C VAL A 79 -22.83 -32.94 -1.72
N GLN A 80 -21.83 -33.52 -1.08
CA GLN A 80 -21.55 -34.94 -1.24
C GLN A 80 -22.64 -35.79 -0.61
N HIS A 81 -23.02 -35.42 0.61
CA HIS A 81 -23.99 -36.19 1.39
C HIS A 81 -25.36 -36.24 0.73
N PHE A 82 -25.94 -35.08 0.47
CA PHE A 82 -27.25 -35.00 -0.17
C PHE A 82 -27.12 -35.11 -1.68
N LYS A 83 -26.40 -36.13 -2.12
CA LYS A 83 -26.14 -36.36 -3.54
C LYS A 83 -27.43 -36.73 -4.27
N THR A 84 -28.06 -37.80 -3.81
CA THR A 84 -29.26 -38.34 -4.46
C THR A 84 -30.41 -37.33 -4.53
N GLN A 85 -30.76 -36.75 -3.38
CA GLN A 85 -31.93 -35.88 -3.28
C GLN A 85 -31.74 -34.55 -4.00
N ILE A 86 -30.68 -33.83 -3.65
CA ILE A 86 -30.54 -32.44 -4.05
C ILE A 86 -29.62 -32.21 -5.25
N PHE A 87 -28.33 -32.47 -5.07
CA PHE A 87 -27.32 -32.04 -6.03
C PHE A 87 -27.09 -33.00 -7.20
N GLY A 88 -26.76 -34.25 -6.89
CA GLY A 88 -26.51 -35.24 -7.93
C GLY A 88 -25.11 -35.13 -8.51
N ASP A 89 -25.02 -35.16 -9.84
CA ASP A 89 -23.73 -35.09 -10.52
C ASP A 89 -23.33 -33.66 -10.85
N ARG A 90 -24.06 -32.70 -10.30
CA ARG A 90 -23.75 -31.29 -10.50
C ARG A 90 -22.55 -30.90 -9.65
N LYS A 91 -21.84 -29.85 -10.09
CA LYS A 91 -20.68 -29.37 -9.37
C LYS A 91 -20.84 -27.89 -9.03
N PRO A 92 -21.55 -27.60 -7.92
CA PRO A 92 -21.80 -26.22 -7.50
C PRO A 92 -20.57 -25.56 -6.88
N VAL A 93 -20.45 -24.26 -7.08
CA VAL A 93 -19.39 -23.48 -6.46
C VAL A 93 -19.92 -22.74 -5.23
N PHE A 94 -19.02 -22.22 -4.40
CA PHE A 94 -19.43 -21.64 -3.13
C PHE A 94 -18.69 -20.34 -2.76
N ASP A 95 -19.48 -19.38 -2.29
CA ASP A 95 -18.98 -18.08 -1.82
C ASP A 95 -18.02 -18.23 -0.65
N GLY A 96 -18.38 -19.09 0.30
CA GLY A 96 -17.66 -19.19 1.55
C GLY A 96 -18.51 -18.63 2.68
N ARG A 97 -19.55 -17.95 2.27
CA ARG A 97 -20.45 -17.29 3.17
C ARG A 97 -21.90 -17.68 2.95
N LYS A 98 -22.53 -17.03 1.99
CA LYS A 98 -23.96 -17.17 1.74
C LYS A 98 -24.37 -17.24 0.26
N ASN A 99 -23.52 -17.75 -0.61
CA ASN A 99 -23.95 -17.94 -1.98
C ASN A 99 -23.44 -19.20 -2.61
N LEU A 100 -24.33 -19.91 -3.30
CA LEU A 100 -23.94 -21.10 -4.00
C LEU A 100 -24.45 -20.92 -5.38
N TYR A 101 -23.70 -21.36 -6.37
CA TYR A 101 -24.12 -21.22 -7.75
C TYR A 101 -24.10 -22.56 -8.45
N THR A 102 -25.01 -22.77 -9.37
CA THR A 102 -25.04 -24.00 -10.10
C THR A 102 -25.20 -23.74 -11.56
N ALA A 103 -24.65 -24.63 -12.36
CA ALA A 103 -24.77 -24.57 -13.80
C ALA A 103 -26.17 -24.80 -14.30
N MET A 104 -26.85 -25.78 -13.72
CA MET A 104 -28.25 -26.07 -14.06
C MET A 104 -29.07 -26.13 -12.77
N PRO A 105 -30.35 -25.85 -12.86
CA PRO A 105 -31.18 -25.61 -11.69
C PRO A 105 -31.22 -26.76 -10.76
N LEU A 106 -31.16 -26.43 -9.50
CA LEU A 106 -31.29 -27.38 -8.44
C LEU A 106 -32.72 -27.73 -8.25
N PRO A 107 -32.96 -28.96 -7.64
CA PRO A 107 -34.36 -29.37 -7.65
C PRO A 107 -35.14 -28.75 -6.51
N ILE A 108 -34.68 -27.59 -6.10
CA ILE A 108 -35.33 -26.78 -5.11
C ILE A 108 -36.69 -26.45 -5.67
N GLY A 109 -36.72 -26.22 -6.97
CA GLY A 109 -37.92 -25.82 -7.64
C GLY A 109 -38.13 -24.35 -7.42
N ARG A 110 -38.02 -23.92 -6.18
CA ARG A 110 -38.31 -22.52 -5.85
C ARG A 110 -38.33 -22.26 -4.37
N ASP A 111 -38.87 -23.22 -3.63
CA ASP A 111 -39.16 -23.06 -2.22
C ASP A 111 -38.11 -23.68 -1.33
N LYS A 112 -37.88 -23.05 -0.18
CA LYS A 112 -36.76 -23.33 0.74
C LYS A 112 -36.65 -24.72 1.39
N VAL A 113 -35.41 -25.21 1.47
CA VAL A 113 -35.11 -26.51 2.02
C VAL A 113 -34.10 -26.45 3.14
N GLU A 114 -34.37 -27.18 4.23
CA GLU A 114 -33.54 -27.18 5.41
C GLU A 114 -32.79 -28.47 5.56
N LEU A 115 -31.48 -28.37 5.70
CA LEU A 115 -30.63 -29.52 5.69
C LEU A 115 -29.80 -29.50 6.92
N GLU A 116 -29.31 -30.66 7.29
CA GLU A 116 -28.50 -30.83 8.48
C GLU A 116 -27.22 -31.53 8.19
N VAL A 117 -26.12 -30.98 8.69
CA VAL A 117 -24.82 -31.64 8.62
C VAL A 117 -24.11 -31.67 9.95
N THR A 118 -23.58 -32.82 10.31
CA THR A 118 -22.71 -32.89 11.45
C THR A 118 -21.37 -33.39 10.96
N LEU A 119 -20.33 -32.71 11.41
CA LEU A 119 -18.99 -32.98 10.97
C LEU A 119 -18.21 -33.46 12.17
N PRO A 120 -17.09 -34.04 11.87
CA PRO A 120 -16.20 -34.49 12.90
C PRO A 120 -15.78 -33.28 13.69
N GLY A 121 -15.60 -33.49 14.98
CA GLY A 121 -15.25 -32.45 15.89
C GLY A 121 -13.92 -32.82 16.48
N GLU A 122 -13.45 -31.97 17.37
CA GLU A 122 -12.28 -32.25 18.15
C GLU A 122 -12.53 -33.48 19.01
N GLY A 123 -13.78 -33.67 19.41
CA GLY A 123 -14.18 -34.67 20.38
C GLY A 123 -15.67 -34.65 20.63
N LYS A 124 -16.34 -33.63 20.10
CA LYS A 124 -17.78 -33.51 20.30
C LYS A 124 -18.56 -34.04 19.08
N ASP A 125 -17.96 -33.98 17.90
CA ASP A 125 -18.55 -34.55 16.69
C ASP A 125 -19.91 -33.90 16.45
N ARG A 126 -19.92 -32.68 15.94
CA ARG A 126 -21.20 -31.96 15.93
C ARG A 126 -21.59 -31.07 14.75
N ILE A 127 -22.53 -30.18 15.07
CA ILE A 127 -23.69 -29.93 14.24
C ILE A 127 -23.77 -28.61 13.49
N PHE A 128 -24.42 -28.68 12.33
CA PHE A 128 -24.59 -27.55 11.44
C PHE A 128 -25.95 -27.63 10.75
N LYS A 129 -26.71 -26.57 10.82
CA LYS A 129 -28.00 -26.52 10.17
C LYS A 129 -27.90 -25.60 8.98
N VAL A 130 -28.11 -26.14 7.80
CA VAL A 130 -28.00 -25.39 6.57
C VAL A 130 -29.33 -25.37 5.83
N SER A 131 -29.60 -24.32 5.08
CA SER A 131 -30.80 -24.29 4.30
C SER A 131 -30.62 -23.55 2.99
N ILE A 132 -31.26 -24.02 1.93
CA ILE A 132 -31.14 -23.42 0.62
C ILE A 132 -32.37 -22.69 0.18
N LYS A 133 -32.19 -21.49 -0.33
CA LYS A 133 -33.25 -20.78 -1.03
C LYS A 133 -32.74 -20.17 -2.31
N TRP A 134 -33.51 -20.28 -3.37
CA TRP A 134 -33.20 -19.72 -4.65
C TRP A 134 -33.32 -18.23 -4.58
N VAL A 135 -32.50 -17.49 -5.32
CA VAL A 135 -32.46 -16.03 -5.33
C VAL A 135 -32.79 -15.46 -6.70
N SER A 136 -32.11 -15.93 -7.74
CA SER A 136 -32.29 -15.40 -9.09
C SER A 136 -31.70 -16.29 -10.17
N CYS A 137 -31.80 -15.82 -11.41
CA CYS A 137 -31.14 -16.45 -12.56
C CYS A 137 -30.10 -15.50 -13.12
N VAL A 138 -28.84 -15.75 -12.78
CA VAL A 138 -27.74 -14.92 -13.27
C VAL A 138 -27.61 -15.05 -14.79
N SER A 139 -27.92 -13.96 -15.50
CA SER A 139 -27.89 -13.96 -16.95
C SER A 139 -26.51 -13.61 -17.50
N LEU A 140 -25.89 -14.57 -18.19
CA LEU A 140 -24.57 -14.35 -18.78
C LEU A 140 -24.67 -13.64 -20.12
N GLN A 141 -25.77 -13.86 -20.83
CA GLN A 141 -26.01 -13.21 -22.11
C GLN A 141 -26.13 -11.70 -21.92
N ALA A 142 -26.73 -11.31 -20.80
CA ALA A 142 -26.87 -9.90 -20.46
C ALA A 142 -25.51 -9.27 -20.22
N LEU A 143 -24.57 -10.08 -19.73
CA LEU A 143 -23.21 -9.61 -19.48
C LEU A 143 -22.47 -9.33 -20.78
N HIS A 144 -22.72 -10.17 -21.78
CA HIS A 144 -22.12 -10.00 -23.10
C HIS A 144 -22.55 -8.67 -23.73
N ASP A 145 -23.83 -8.34 -23.58
CA ASP A 145 -24.37 -7.11 -24.12
C ASP A 145 -23.73 -5.90 -23.46
N ALA A 146 -23.46 -6.00 -22.16
CA ALA A 146 -22.84 -4.92 -21.42
C ALA A 146 -21.39 -4.70 -21.85
N LEU A 147 -20.76 -5.76 -22.35
CA LEU A 147 -19.39 -5.68 -22.83
C LEU A 147 -19.36 -5.15 -24.26
N SER A 148 -20.53 -4.83 -24.79
CA SER A 148 -20.65 -4.30 -26.15
C SER A 148 -21.30 -2.92 -26.12
N GLY A 149 -20.76 -2.02 -25.31
CA GLY A 149 -21.30 -0.68 -25.20
C GLY A 149 -22.40 -0.57 -24.16
N VAL A 154 -23.64 -2.41 -16.50
CA VAL A 154 -22.68 -3.45 -16.14
C VAL A 154 -23.11 -4.20 -14.88
N PRO A 155 -23.37 -5.51 -15.02
CA PRO A 155 -23.84 -6.36 -13.93
C PRO A 155 -22.72 -6.76 -12.97
N PHE A 156 -22.60 -6.14 -11.82
CA PHE A 156 -21.63 -6.61 -10.85
C PHE A 156 -21.98 -7.99 -10.35
N GLU A 157 -23.26 -8.27 -10.21
CA GLU A 157 -23.69 -9.52 -9.66
C GLU A 157 -23.26 -10.67 -10.53
N THR A 158 -23.35 -10.50 -11.83
CA THR A 158 -22.88 -11.49 -12.78
C THR A 158 -21.38 -11.68 -12.74
N ILE A 159 -20.67 -10.59 -12.57
CA ILE A 159 -19.23 -10.61 -12.42
C ILE A 159 -18.81 -11.32 -11.17
N GLN A 160 -19.53 -11.10 -10.10
CA GLN A 160 -19.27 -11.74 -8.84
C GLN A 160 -19.43 -13.24 -8.88
N ALA A 161 -20.38 -13.69 -9.67
CA ALA A 161 -20.61 -15.09 -9.93
C ALA A 161 -19.49 -15.79 -10.64
N LEU A 162 -18.93 -15.13 -11.63
CA LEU A 162 -17.80 -15.63 -12.35
C LEU A 162 -16.60 -15.77 -11.48
N ASP A 163 -16.39 -14.85 -10.56
CA ASP A 163 -15.27 -14.91 -9.66
C ASP A 163 -15.38 -16.13 -8.81
N VAL A 164 -16.57 -16.43 -8.37
CA VAL A 164 -16.81 -17.58 -7.54
C VAL A 164 -16.54 -18.87 -8.24
N VAL A 165 -16.94 -18.98 -9.50
CA VAL A 165 -16.70 -20.15 -10.28
C VAL A 165 -15.24 -20.37 -10.48
N MET A 166 -14.52 -19.29 -10.66
CA MET A 166 -13.08 -19.34 -10.82
C MET A 166 -12.24 -19.71 -9.63
N ARG A 167 -12.59 -19.24 -8.47
CA ARG A 167 -11.79 -19.45 -7.30
C ARG A 167 -12.38 -20.39 -6.33
N HIS A 168 -13.39 -21.12 -6.75
CA HIS A 168 -13.91 -22.15 -5.91
C HIS A 168 -12.93 -23.21 -5.62
N LEU A 169 -12.22 -23.73 -6.62
CA LEU A 169 -11.21 -24.75 -6.40
C LEU A 169 -9.96 -24.32 -5.67
N PRO A 170 -9.39 -23.12 -6.11
CA PRO A 170 -8.18 -22.74 -5.39
C PRO A 170 -8.39 -22.50 -3.92
N SER A 171 -9.55 -21.99 -3.59
CA SER A 171 -9.94 -21.69 -2.24
C SER A 171 -10.01 -22.90 -1.38
N MET A 172 -10.36 -24.02 -1.96
CA MET A 172 -10.31 -25.30 -1.29
C MET A 172 -8.94 -25.85 -0.96
N ARG A 173 -8.00 -25.76 -1.90
CA ARG A 173 -6.70 -26.41 -1.75
C ARG A 173 -5.64 -25.46 -1.17
N TYR A 174 -5.78 -24.17 -1.48
CA TYR A 174 -4.77 -23.20 -1.06
C TYR A 174 -5.28 -22.36 0.11
N THR A 175 -4.47 -21.37 0.51
CA THR A 175 -4.84 -20.49 1.61
C THR A 175 -5.23 -19.12 1.09
N PRO A 176 -6.55 -18.85 1.04
CA PRO A 176 -7.09 -17.59 0.50
C PRO A 176 -6.65 -16.36 1.30
N VAL A 177 -6.00 -15.43 0.62
CA VAL A 177 -5.62 -14.16 1.23
C VAL A 177 -6.07 -13.02 0.31
N GLY A 178 -7.21 -12.41 0.64
CA GLY A 178 -7.79 -11.38 -0.21
C GLY A 178 -8.27 -11.98 -1.51
N ARG A 179 -7.72 -11.51 -2.62
CA ARG A 179 -8.01 -12.08 -3.93
C ARG A 179 -6.86 -12.95 -4.41
N SER A 180 -5.97 -13.31 -3.50
CA SER A 180 -4.82 -14.14 -3.83
C SER A 180 -4.86 -15.48 -3.10
N PHE A 181 -3.96 -16.38 -3.46
CA PHE A 181 -3.86 -17.68 -2.81
C PHE A 181 -2.40 -17.96 -2.46
N PHE A 182 -2.17 -18.73 -1.42
CA PHE A 182 -0.82 -19.05 -0.99
C PHE A 182 -0.71 -20.48 -0.46
N THR A 183 0.43 -21.12 -0.70
CA THR A 183 0.72 -22.42 -0.16
C THR A 183 2.13 -22.51 0.38
N ALA A 184 2.36 -23.44 1.29
CA ALA A 184 3.66 -23.67 1.86
C ALA A 184 4.57 -24.41 0.95
N SER A 185 5.84 -24.03 0.92
CA SER A 185 6.81 -24.61 0.01
C SER A 185 7.09 -26.04 0.32
N GLU A 186 7.17 -26.86 -0.72
CA GLU A 186 7.34 -28.30 -0.66
C GLU A 186 8.62 -28.82 -0.04
N GLY A 187 9.75 -28.22 -0.37
CA GLY A 187 9.84 -27.08 -1.25
C GLY A 187 11.08 -26.35 -0.84
N CYS A 188 11.15 -25.05 -1.09
CA CYS A 188 12.20 -24.25 -0.46
C CYS A 188 12.13 -24.10 1.08
N SER A 189 10.96 -23.90 1.66
CA SER A 189 10.91 -23.52 3.08
C SER A 189 11.74 -22.28 3.44
N ASN A 190 11.43 -21.12 2.88
CA ASN A 190 12.25 -19.91 3.05
C ASN A 190 12.06 -19.12 4.32
N PRO A 191 13.17 -19.09 5.17
CA PRO A 191 12.96 -18.38 6.43
C PRO A 191 13.10 -16.89 6.41
N LEU A 192 12.54 -16.22 7.39
CA LEU A 192 12.80 -14.83 7.60
C LEU A 192 13.22 -14.55 9.02
N GLY A 193 13.12 -15.51 9.92
CA GLY A 193 13.40 -15.28 11.32
C GLY A 193 12.20 -14.67 12.02
N GLY A 194 12.18 -14.75 13.35
CA GLY A 194 11.08 -14.21 14.13
C GLY A 194 9.79 -14.99 13.95
N GLY A 195 9.92 -16.25 13.53
CA GLY A 195 8.77 -17.11 13.31
C GLY A 195 8.15 -16.94 11.93
N ARG A 196 8.67 -15.99 11.17
CA ARG A 196 8.13 -15.68 9.85
C ARG A 196 8.81 -16.49 8.76
N GLU A 197 8.05 -16.86 7.73
CA GLU A 197 8.60 -17.57 6.59
C GLU A 197 7.88 -17.20 5.30
N VAL A 198 8.53 -17.45 4.17
CA VAL A 198 8.00 -17.03 2.88
C VAL A 198 7.04 -18.04 2.27
N TRP A 199 5.88 -17.56 1.85
CA TRP A 199 4.93 -18.37 1.09
C TRP A 199 4.73 -17.78 -0.30
N PHE A 200 4.93 -18.60 -1.32
CA PHE A 200 4.72 -18.18 -2.70
C PHE A 200 3.29 -18.43 -3.13
N GLY A 201 2.70 -17.51 -3.87
CA GLY A 201 1.31 -17.51 -4.23
C GLY A 201 1.02 -16.81 -5.53
N PHE A 202 -0.23 -16.51 -5.78
CA PHE A 202 -0.62 -15.79 -6.97
C PHE A 202 -1.93 -15.08 -6.75
N HIS A 203 -2.23 -14.12 -7.60
CA HIS A 203 -3.48 -13.38 -7.58
C HIS A 203 -4.34 -13.79 -8.70
N GLN A 204 -5.62 -13.90 -8.45
CA GLN A 204 -6.56 -14.16 -9.49
C GLN A 204 -7.79 -13.29 -9.36
N SER A 205 -8.20 -12.64 -10.43
CA SER A 205 -9.40 -11.85 -10.43
C SER A 205 -10.06 -11.84 -11.79
N VAL A 206 -11.35 -11.58 -11.85
CA VAL A 206 -12.05 -11.53 -13.10
C VAL A 206 -12.33 -10.09 -13.36
N ARG A 207 -11.86 -9.59 -14.48
CA ARG A 207 -11.96 -8.17 -14.82
C ARG A 207 -12.76 -8.00 -16.11
N PRO A 208 -13.54 -6.92 -16.20
CA PRO A 208 -14.28 -6.62 -17.43
C PRO A 208 -13.47 -5.73 -18.37
N SER A 209 -13.70 -5.82 -19.65
CA SER A 209 -12.97 -5.03 -20.58
C SER A 209 -13.84 -5.01 -21.76
N LEU A 210 -13.51 -4.26 -22.78
CA LEU A 210 -14.34 -4.24 -23.96
C LEU A 210 -14.37 -5.60 -24.66
N TRP A 211 -15.57 -6.03 -25.03
CA TRP A 211 -15.80 -7.24 -25.78
C TRP A 211 -15.61 -8.46 -24.97
N LYS A 212 -14.53 -8.50 -24.22
CA LYS A 212 -14.09 -9.72 -23.55
C LYS A 212 -14.10 -9.61 -22.03
N MET A 213 -14.21 -10.76 -21.37
CA MET A 213 -13.99 -10.87 -19.94
C MET A 213 -12.58 -11.39 -19.72
N MET A 214 -11.84 -10.73 -18.83
CA MET A 214 -10.43 -11.04 -18.63
C MET A 214 -10.16 -11.71 -17.30
N LEU A 215 -9.28 -12.70 -17.32
CA LEU A 215 -8.82 -13.35 -16.10
C LEU A 215 -7.45 -12.81 -15.73
N ASN A 216 -7.40 -11.91 -14.76
CA ASN A 216 -6.15 -11.28 -14.35
C ASN A 216 -5.33 -12.20 -13.44
N ILE A 217 -4.15 -12.58 -13.92
CA ILE A 217 -3.28 -13.50 -13.19
C ILE A 217 -1.91 -12.88 -12.96
N ASP A 218 -1.39 -12.99 -11.74
CA ASP A 218 -0.05 -12.48 -11.44
C ASP A 218 0.56 -13.23 -10.26
N VAL A 219 1.88 -13.45 -10.33
CA VAL A 219 2.59 -14.17 -9.27
C VAL A 219 2.87 -13.29 -8.06
N SER A 220 2.65 -13.84 -6.87
CA SER A 220 2.81 -13.08 -5.64
C SER A 220 3.61 -13.86 -4.60
N ALA A 221 4.01 -13.17 -3.54
CA ALA A 221 4.74 -13.78 -2.44
C ALA A 221 4.63 -12.91 -1.19
N THR A 222 4.23 -13.51 -0.07
CA THR A 222 4.05 -12.76 1.16
C THR A 222 4.56 -13.53 2.39
N ALA A 223 4.56 -12.87 3.53
CA ALA A 223 5.07 -13.46 4.76
C ALA A 223 4.02 -14.27 5.52
N PHE A 224 4.43 -15.40 6.06
CA PHE A 224 3.57 -16.27 6.84
C PHE A 224 4.30 -16.72 8.10
N TYR A 225 3.53 -17.06 9.14
CA TYR A 225 4.12 -17.58 10.37
C TYR A 225 4.36 -19.08 10.26
N LYS A 226 5.59 -19.50 10.53
CA LYS A 226 5.96 -20.90 10.48
C LYS A 226 5.17 -21.71 11.51
N ALA A 227 4.62 -22.84 11.08
CA ALA A 227 3.87 -23.71 11.98
C ALA A 227 4.80 -24.45 12.93
N GLN A 228 5.04 -23.84 14.09
CA GLN A 228 5.94 -24.41 15.08
C GLN A 228 5.39 -24.18 16.48
N PRO A 229 5.81 -25.01 17.45
CA PRO A 229 5.39 -24.82 18.85
C PRO A 229 5.73 -23.42 19.37
N VAL A 230 4.93 -22.91 20.29
CA VAL A 230 5.12 -21.56 20.83
C VAL A 230 6.48 -21.44 21.51
N ILE A 231 6.95 -22.54 22.10
CA ILE A 231 8.27 -22.58 22.71
C ILE A 231 9.36 -22.21 21.70
N GLU A 232 9.31 -22.84 20.54
CA GLU A 232 10.27 -22.54 19.47
C GLU A 232 10.02 -21.13 18.92
N PHE A 233 8.76 -20.71 18.94
CA PHE A 233 8.39 -19.38 18.48
C PHE A 233 9.00 -18.31 19.37
N VAL A 234 9.01 -18.56 20.67
CA VAL A 234 9.62 -17.66 21.63
C VAL A 234 11.09 -17.44 21.31
N CYS A 235 11.76 -18.51 20.91
CA CYS A 235 13.18 -18.45 20.58
C CYS A 235 13.47 -17.54 19.40
N GLU A 236 12.78 -17.76 18.28
CA GLU A 236 13.03 -16.98 17.06
C GLU A 236 12.71 -15.50 17.24
N VAL A 237 11.76 -15.21 18.12
CA VAL A 237 11.37 -13.83 18.38
C VAL A 237 12.37 -13.15 19.29
N LEU A 238 12.85 -13.89 20.29
CA LEU A 238 13.78 -13.34 21.27
C LEU A 238 15.24 -13.69 20.96
N ASP A 239 15.46 -14.27 19.78
CA ASP A 239 16.80 -14.65 19.34
C ASP A 239 17.50 -15.61 20.29
N PHE A 240 16.79 -16.65 20.71
CA PHE A 240 17.36 -17.68 21.57
C PHE A 240 17.98 -18.79 20.73
N LYS A 241 19.15 -19.26 21.14
CA LYS A 241 19.74 -20.45 20.54
C LYS A 241 18.96 -21.64 21.05
N SER A 242 19.11 -21.93 22.33
CA SER A 242 18.29 -22.94 22.99
C SER A 242 17.25 -22.25 23.86
N ILE A 243 16.32 -23.03 24.40
CA ILE A 243 15.29 -22.49 25.26
C ILE A 243 15.92 -21.93 26.52
N GLU A 244 16.85 -22.69 27.08
CA GLU A 244 17.42 -22.35 28.39
C GLU A 244 18.26 -21.08 28.39
N GLU A 245 19.39 -21.10 27.68
CA GLU A 245 20.39 -20.01 27.63
C GLU A 245 20.10 -18.77 28.49
N GLN A 247 15.85 -21.93 32.58
CA GLN A 247 15.91 -20.48 32.44
C GLN A 247 15.29 -19.79 33.65
N LYS A 248 15.23 -18.47 33.61
CA LYS A 248 14.57 -17.66 34.61
C LYS A 248 13.40 -16.96 33.91
N PRO A 249 12.42 -16.46 34.69
CA PRO A 249 11.29 -15.74 34.07
C PRO A 249 11.74 -14.61 33.16
N LEU A 250 11.03 -14.42 32.05
CA LEU A 250 11.33 -13.37 31.10
C LEU A 250 11.23 -11.99 31.76
N THR A 251 12.17 -11.11 31.45
CA THR A 251 12.13 -9.75 31.97
C THR A 251 10.96 -8.99 31.35
N ASP A 252 10.68 -7.80 31.88
CA ASP A 252 9.61 -6.96 31.33
C ASP A 252 9.92 -6.58 29.88
N SER A 253 11.20 -6.59 29.53
CA SER A 253 11.64 -6.28 28.18
C SER A 253 11.34 -7.43 27.22
N GLN A 254 11.81 -8.61 27.57
CA GLN A 254 11.65 -9.80 26.72
C GLN A 254 10.20 -10.21 26.53
N ARG A 255 9.34 -9.77 27.43
CA ARG A 255 7.95 -10.21 27.44
C ARG A 255 7.06 -9.38 26.51
N VAL A 256 7.19 -8.06 26.58
CA VAL A 256 6.35 -7.16 25.79
C VAL A 256 6.59 -7.30 24.29
N LYS A 257 7.81 -7.70 23.91
CA LYS A 257 8.11 -7.97 22.51
C LYS A 257 7.41 -9.23 22.05
N PHE A 258 7.47 -10.27 22.89
CA PHE A 258 6.82 -11.55 22.59
C PHE A 258 5.30 -11.40 22.54
N THR A 259 4.76 -10.59 23.44
CA THR A 259 3.33 -10.33 23.48
C THR A 259 2.88 -9.60 22.22
N LYS A 260 3.66 -8.62 21.81
CA LYS A 260 3.35 -7.81 20.63
C LYS A 260 3.44 -8.64 19.35
N GLU A 261 4.19 -9.73 19.42
CA GLU A 261 4.43 -10.58 18.25
C GLU A 261 3.44 -11.74 18.15
N ILE A 262 2.74 -12.04 19.25
CA ILE A 262 1.85 -13.20 19.28
C ILE A 262 0.38 -12.82 19.50
N LYS A 263 0.14 -11.61 19.99
CA LYS A 263 -1.23 -11.16 20.25
C LYS A 263 -2.03 -11.06 18.96
N GLY A 264 -3.06 -11.89 18.84
CA GLY A 264 -3.91 -11.89 17.67
C GLY A 264 -3.70 -13.11 16.80
N LEU A 265 -2.72 -13.93 17.15
CA LEU A 265 -2.43 -15.14 16.40
C LEU A 265 -3.22 -16.32 16.96
N LYS A 266 -3.42 -17.33 16.13
CA LYS A 266 -4.14 -18.54 16.54
C LYS A 266 -3.16 -19.59 17.07
N VAL A 267 -3.53 -20.22 18.17
CA VAL A 267 -2.75 -21.33 18.73
C VAL A 267 -3.62 -22.57 18.89
N GLU A 268 -3.00 -23.74 18.80
CA GLU A 268 -3.74 -25.00 18.93
C GLU A 268 -3.21 -25.87 20.06
N ILE A 269 -4.08 -26.65 20.66
CA ILE A 269 -3.74 -27.48 21.82
C ILE A 269 -3.21 -28.84 21.41
N THR A 270 -2.11 -29.26 22.05
CA THR A 270 -1.50 -30.54 21.77
C THR A 270 -1.98 -31.63 22.73
N HIS A 271 -2.29 -31.23 23.96
CA HIS A 271 -2.55 -32.15 25.08
C HIS A 271 -3.85 -32.91 25.12
N CYS A 272 -4.98 -32.31 24.81
CA CYS A 272 -6.23 -33.06 24.64
C CYS A 272 -7.33 -32.23 24.01
N LYS A 276 -7.11 -29.89 17.03
CA LYS A 276 -7.86 -29.28 15.94
C LYS A 276 -8.53 -27.96 16.29
N ARG A 277 -8.52 -27.60 17.57
CA ARG A 277 -9.23 -26.38 17.98
C ARG A 277 -8.34 -25.15 18.21
N LYS A 278 -8.07 -24.45 17.11
CA LYS A 278 -7.28 -23.23 17.14
C LYS A 278 -8.04 -22.17 17.92
N TYR A 279 -7.35 -21.60 18.91
CA TYR A 279 -7.91 -20.56 19.76
C TYR A 279 -7.14 -19.28 19.49
N ARG A 280 -7.80 -18.13 19.62
CA ARG A 280 -7.21 -16.85 19.26
C ARG A 280 -6.61 -16.13 20.48
N VAL A 281 -5.29 -15.95 20.46
CA VAL A 281 -4.58 -15.28 21.56
C VAL A 281 -5.03 -13.82 21.71
N CYS A 282 -5.31 -13.41 22.93
CA CYS A 282 -5.75 -12.04 23.21
C CYS A 282 -4.69 -11.26 24.00
N ASN A 283 -3.99 -11.96 24.89
CA ASN A 283 -2.94 -11.33 25.69
C ASN A 283 -1.99 -12.36 26.31
N VAL A 284 -0.82 -11.88 26.75
CA VAL A 284 0.14 -12.74 27.44
C VAL A 284 0.30 -12.27 28.89
N THR A 285 0.09 -13.20 29.82
CA THR A 285 0.11 -12.87 31.25
C THR A 285 1.48 -12.42 31.72
N ARG A 286 1.50 -11.53 32.72
CA ARG A 286 2.74 -11.07 33.31
C ARG A 286 3.35 -12.17 34.16
N ARG A 287 2.51 -12.79 34.99
CA ARG A 287 2.96 -13.81 35.93
C ARG A 287 3.30 -15.11 35.21
N PRO A 288 4.29 -15.85 35.71
CA PRO A 288 4.64 -17.16 35.16
C PRO A 288 3.55 -18.19 35.49
N ALA A 289 3.60 -19.34 34.82
CA ALA A 289 2.58 -20.37 35.00
C ALA A 289 2.53 -20.91 36.43
N SER A 290 3.64 -20.77 37.14
CA SER A 290 3.74 -21.26 38.52
C SER A 290 2.99 -20.37 39.49
N HIS A 291 2.80 -19.10 39.12
CA HIS A 291 2.18 -18.13 40.00
C HIS A 291 0.88 -17.55 39.45
N GLN A 292 0.68 -17.68 38.15
CA GLN A 292 -0.55 -17.20 37.51
C GLN A 292 -1.74 -18.05 37.97
N THR A 293 -2.77 -17.39 38.51
CA THR A 293 -3.90 -18.12 39.09
C THR A 293 -5.21 -17.81 38.39
N PHE A 294 -6.23 -18.62 38.70
CA PHE A 294 -7.58 -18.42 38.18
C PHE A 294 -8.56 -19.06 39.15
N PRO A 295 -9.78 -18.48 39.26
CA PRO A 295 -10.77 -19.06 40.18
C PRO A 295 -11.32 -20.40 39.69
N LEU A 296 -11.00 -21.46 40.42
CA LEU A 296 -11.49 -22.80 40.10
C LEU A 296 -12.58 -23.20 41.09
N GLN A 297 -13.72 -23.65 40.58
CA GLN A 297 -14.82 -24.04 41.45
C GLN A 297 -14.72 -25.52 41.82
N GLN A 298 -14.55 -25.77 43.12
CA GLN A 298 -14.48 -27.12 43.64
C GLN A 298 -15.85 -27.81 43.55
N GLU A 299 -15.87 -29.09 43.87
CA GLU A 299 -17.10 -29.88 43.76
C GLU A 299 -18.09 -29.56 44.88
N SER A 300 -17.66 -28.74 45.83
CA SER A 300 -18.49 -28.35 46.95
C SER A 300 -19.10 -26.96 46.75
N GLY A 301 -19.13 -26.51 45.51
CA GLY A 301 -19.70 -25.22 45.17
C GLY A 301 -18.74 -24.07 45.38
N GLN A 302 -17.93 -24.15 46.43
CA GLN A 302 -16.96 -23.12 46.75
C GLN A 302 -15.91 -22.99 45.66
N THR A 303 -15.56 -21.76 45.31
CA THR A 303 -14.50 -21.51 44.35
C THR A 303 -13.21 -21.18 45.08
N VAL A 304 -12.08 -21.34 44.39
CA VAL A 304 -10.77 -21.08 45.00
C VAL A 304 -9.76 -20.70 43.92
N GLU A 305 -8.73 -19.96 44.32
CA GLU A 305 -7.67 -19.56 43.40
C GLU A 305 -6.69 -20.71 43.18
N CYS A 306 -6.55 -21.13 41.94
CA CYS A 306 -5.66 -22.22 41.59
C CYS A 306 -4.68 -21.77 40.51
N THR A 307 -3.40 -22.11 40.69
CA THR A 307 -2.38 -21.76 39.69
C THR A 307 -2.54 -22.63 38.46
N VAL A 308 -2.13 -22.09 37.31
CA VAL A 308 -2.18 -22.83 36.06
C VAL A 308 -1.26 -24.05 36.13
N ALA A 309 -0.18 -23.92 36.87
CA ALA A 309 0.77 -25.02 37.05
C ALA A 309 0.15 -26.17 37.86
N GLN A 310 -0.61 -25.83 38.88
CA GLN A 310 -1.22 -26.84 39.75
C GLN A 310 -2.39 -27.52 39.06
N TYR A 311 -3.17 -26.73 38.30
CA TYR A 311 -4.32 -27.27 37.59
C TYR A 311 -3.89 -28.32 36.57
N PHE A 312 -2.79 -28.07 35.88
CA PHE A 312 -2.27 -29.02 34.91
C PHE A 312 -1.68 -30.27 35.57
N LYS A 313 -1.33 -30.15 36.85
CA LYS A 313 -0.89 -31.30 37.61
C LYS A 313 -2.08 -32.11 38.09
N ASP A 314 -3.08 -31.42 38.62
CA ASP A 314 -4.27 -32.08 39.15
C ASP A 314 -5.16 -32.66 38.05
N ARG A 315 -5.49 -31.82 37.06
CA ARG A 315 -6.45 -32.20 36.03
C ARG A 315 -5.86 -33.03 34.90
N HIS A 316 -4.67 -32.67 34.44
CA HIS A 316 -4.09 -33.31 33.26
C HIS A 316 -2.89 -34.20 33.56
N LYS A 317 -2.58 -34.37 34.84
CA LYS A 317 -1.44 -35.20 35.26
C LYS A 317 -0.14 -34.71 34.62
N LEU A 318 -0.07 -33.41 34.32
CA LEU A 318 1.02 -32.86 33.54
C LEU A 318 1.86 -31.88 34.37
N VAL A 319 3.08 -32.28 34.68
CA VAL A 319 4.02 -31.40 35.36
C VAL A 319 4.69 -30.50 34.33
N LEU A 320 4.45 -29.19 34.44
CA LEU A 320 4.97 -28.23 33.47
C LEU A 320 6.49 -28.25 33.38
N ARG A 321 6.99 -28.23 32.15
CA ARG A 321 8.42 -28.27 31.89
C ARG A 321 9.03 -26.87 31.99
N TYR A 322 8.23 -25.86 31.64
CA TYR A 322 8.67 -24.47 31.75
C TYR A 322 7.66 -23.64 32.53
N PRO A 323 7.60 -23.83 33.86
CA PRO A 323 6.65 -23.09 34.69
C PRO A 323 7.04 -21.63 34.85
N HIS A 324 8.29 -21.31 34.57
CA HIS A 324 8.80 -19.94 34.68
C HIS A 324 8.38 -19.08 33.49
N LEU A 325 7.83 -19.72 32.48
CA LEU A 325 7.38 -19.02 31.29
C LEU A 325 5.90 -18.63 31.41
N PRO A 326 5.51 -17.50 30.80
CA PRO A 326 4.14 -16.96 30.90
C PRO A 326 3.07 -17.87 30.32
N CYS A 327 1.82 -17.41 30.34
CA CYS A 327 0.70 -18.15 29.79
C CYS A 327 -0.01 -17.35 28.71
N LEU A 328 -0.39 -18.00 27.63
CA LEU A 328 -1.19 -17.37 26.62
C LEU A 328 -2.59 -17.30 27.10
N GLN A 329 -3.27 -16.20 26.85
CA GLN A 329 -4.59 -16.01 27.37
C GLN A 329 -5.49 -15.91 26.21
N VAL A 330 -6.59 -16.62 26.28
CA VAL A 330 -7.46 -16.81 25.16
C VAL A 330 -8.88 -16.68 25.60
N GLY A 331 -9.77 -16.76 24.63
CA GLY A 331 -11.16 -16.41 24.76
C GLY A 331 -11.32 -14.94 25.03
N GLN A 332 -12.10 -14.59 26.02
CA GLN A 332 -12.29 -13.20 26.40
C GLN A 332 -11.35 -12.73 27.48
N GLU A 333 -11.69 -11.60 28.07
CA GLU A 333 -11.03 -11.15 29.28
C GLU A 333 -11.28 -12.22 30.29
N GLN A 334 -12.50 -12.72 30.26
CA GLN A 334 -12.89 -13.96 30.88
C GLN A 334 -12.93 -15.07 29.80
N LYS A 335 -13.26 -16.32 30.16
CA LYS A 335 -13.53 -16.65 31.53
C LYS A 335 -12.23 -16.44 32.20
N HIS A 336 -11.19 -17.07 31.69
CA HIS A 336 -9.81 -16.80 31.97
C HIS A 336 -9.12 -17.48 30.87
N THR A 337 -8.96 -18.78 31.03
CA THR A 337 -8.34 -19.56 30.00
C THR A 337 -6.93 -19.14 29.72
N TYR A 338 -6.04 -19.46 30.62
CA TYR A 338 -4.63 -19.31 30.42
C TYR A 338 -4.02 -20.61 30.02
N LEU A 339 -3.21 -20.58 28.98
CA LEU A 339 -2.57 -21.79 28.48
C LEU A 339 -1.09 -21.70 28.50
N PRO A 340 -0.41 -22.77 29.10
CA PRO A 340 1.05 -22.66 29.09
C PRO A 340 1.68 -22.79 27.72
N LEU A 341 2.83 -22.19 27.50
CA LEU A 341 3.40 -22.08 26.16
C LEU A 341 3.76 -23.43 25.56
N GLU A 342 4.07 -24.40 26.42
CA GLU A 342 4.57 -25.70 25.99
C GLU A 342 3.49 -26.64 25.45
N VAL A 343 2.23 -26.30 25.67
CA VAL A 343 1.13 -27.13 25.19
C VAL A 343 0.43 -26.50 23.99
N CYS A 344 1.03 -25.44 23.45
CA CYS A 344 0.44 -24.73 22.32
C CYS A 344 1.38 -24.69 21.11
N ASN A 345 0.80 -24.87 19.93
CA ASN A 345 1.54 -24.69 18.69
C ASN A 345 0.98 -23.49 17.93
N ILE A 346 1.75 -23.00 16.95
CA ILE A 346 1.25 -21.94 16.09
C ILE A 346 0.48 -22.55 14.92
N VAL A 347 -0.79 -22.16 14.78
CA VAL A 347 -1.64 -22.67 13.71
C VAL A 347 -1.10 -22.30 12.34
N ALA A 348 -1.03 -23.29 11.45
CA ALA A 348 -0.48 -23.08 10.11
C ALA A 348 -1.41 -22.25 9.24
N GLY A 349 -0.83 -21.57 8.25
CA GLY A 349 -1.61 -20.79 7.30
C GLY A 349 -1.97 -19.40 7.78
N GLN A 350 -1.15 -18.85 8.67
CA GLN A 350 -1.41 -17.51 9.20
C GLN A 350 -0.46 -16.47 8.58
N ARG A 351 -1.03 -15.52 7.86
CA ARG A 351 -0.25 -14.50 7.18
C ARG A 351 0.25 -13.46 8.19
N CYS A 352 1.45 -12.94 7.94
CA CYS A 352 2.04 -11.94 8.81
C CYS A 352 1.62 -10.53 8.38
N ILE A 353 0.87 -9.85 9.24
CA ILE A 353 0.40 -8.50 8.96
C ILE A 353 1.45 -7.47 9.36
N LYS A 354 2.15 -7.75 10.45
CA LYS A 354 3.17 -6.86 10.98
C LYS A 354 4.25 -6.57 9.95
N LYS A 355 4.67 -5.31 9.87
CA LYS A 355 5.74 -4.95 8.94
C LYS A 355 7.02 -5.66 9.35
N LEU A 356 7.86 -5.94 8.38
CA LEU A 356 9.05 -6.70 8.63
C LEU A 356 10.34 -5.90 8.59
N THR A 357 11.37 -6.48 9.16
CA THR A 357 12.58 -5.76 9.40
C THR A 357 13.18 -5.43 8.07
N ASP A 358 14.08 -4.47 8.11
CA ASP A 358 14.77 -3.96 6.93
C ASP A 358 15.30 -5.09 6.07
N ASN A 359 15.75 -6.15 6.72
CA ASN A 359 16.29 -7.30 6.02
C ASN A 359 15.22 -8.25 5.52
N GLN A 360 14.24 -8.54 6.37
CA GLN A 360 13.18 -9.47 5.99
C GLN A 360 12.46 -9.00 4.75
N THR A 361 12.28 -7.68 4.64
CA THR A 361 11.72 -7.10 3.44
C THR A 361 12.66 -7.35 2.29
N SER A 362 13.95 -7.16 2.53
CA SER A 362 14.97 -7.29 1.50
C SER A 362 15.04 -8.71 0.94
N THR A 363 15.12 -9.71 1.81
CA THR A 363 15.18 -11.10 1.35
C THR A 363 13.87 -11.56 0.71
N MET A 364 12.76 -10.95 1.11
CA MET A 364 11.49 -11.19 0.46
C MET A 364 11.53 -10.67 -0.98
N ILE A 365 12.05 -9.47 -1.15
CA ILE A 365 12.17 -8.93 -2.48
C ILE A 365 13.14 -9.75 -3.29
N ARG A 366 14.17 -10.26 -2.65
CA ARG A 366 15.16 -11.03 -3.37
C ARG A 366 14.45 -12.18 -4.00
N ALA A 367 13.56 -12.82 -3.27
CA ALA A 367 12.79 -13.92 -3.83
C ALA A 367 11.85 -13.53 -4.93
N THR A 368 11.15 -12.43 -4.74
CA THR A 368 10.17 -12.02 -5.70
C THR A 368 10.69 -11.58 -7.05
N ALA A 369 11.73 -10.75 -7.04
CA ALA A 369 11.90 -9.69 -8.02
C ALA A 369 12.04 -10.09 -9.48
N ARG A 370 12.96 -10.98 -9.75
CA ARG A 370 13.12 -11.45 -11.10
C ARG A 370 13.38 -10.25 -12.00
N SER A 371 12.65 -10.16 -13.10
CA SER A 371 12.73 -9.06 -14.03
C SER A 371 11.51 -9.28 -14.85
N ALA A 372 11.11 -8.33 -15.67
CA ALA A 372 9.85 -8.44 -16.37
C ALA A 372 9.80 -9.63 -17.30
N PRO A 373 10.96 -9.90 -18.04
CA PRO A 373 10.90 -11.13 -18.83
C PRO A 373 10.78 -12.35 -17.98
N ASP A 374 11.48 -12.35 -16.88
CA ASP A 374 11.51 -13.47 -15.95
C ASP A 374 10.15 -13.79 -15.33
N ARG A 375 9.43 -12.74 -14.91
CA ARG A 375 8.14 -12.96 -14.26
C ARG A 375 7.03 -13.28 -15.26
N GLN A 376 7.22 -12.90 -16.52
CA GLN A 376 6.25 -13.23 -17.55
C GLN A 376 6.25 -14.74 -17.77
N GLU A 377 7.42 -15.35 -17.65
CA GLU A 377 7.55 -16.79 -17.75
C GLU A 377 6.92 -17.46 -16.54
N GLU A 378 7.07 -16.84 -15.38
CA GLU A 378 6.56 -17.40 -14.13
C GLU A 378 5.03 -17.42 -14.11
N ILE A 379 4.42 -16.46 -14.78
CA ILE A 379 2.97 -16.43 -14.92
C ILE A 379 2.51 -17.51 -15.89
N SER A 380 3.22 -17.62 -17.02
CA SER A 380 2.93 -18.65 -18.00
C SER A 380 3.15 -20.04 -17.40
N LYS A 381 4.16 -20.13 -16.55
CA LYS A 381 4.45 -21.38 -15.85
C LYS A 381 3.31 -21.67 -14.88
N LEU A 382 2.78 -20.61 -14.27
CA LEU A 382 1.67 -20.72 -13.34
C LEU A 382 0.39 -21.08 -14.08
N MET A 383 0.17 -20.43 -15.22
CA MET A 383 -1.00 -20.72 -16.06
C MET A 383 -0.97 -22.15 -16.57
N ARG A 384 0.25 -22.69 -16.73
CA ARG A 384 0.43 -24.04 -17.24
C ARG A 384 0.04 -25.07 -16.18
N SER A 385 0.44 -24.83 -14.95
CA SER A 385 0.15 -25.76 -13.86
C SER A 385 -1.27 -25.61 -13.36
N ALA A 386 -1.81 -24.40 -13.43
CA ALA A 386 -3.19 -24.15 -13.04
C ALA A 386 -4.14 -24.94 -13.93
N ASP A 387 -3.90 -24.85 -15.24
CA ASP A 387 -4.68 -25.57 -16.25
C ASP A 387 -6.18 -25.38 -16.04
N PHE A 388 -6.64 -24.15 -16.24
CA PHE A 388 -8.03 -23.80 -16.02
C PHE A 388 -8.97 -24.61 -16.92
N ASN A 389 -8.54 -24.85 -18.16
CA ASN A 389 -9.37 -25.57 -19.12
C ASN A 389 -9.61 -27.05 -18.76
N THR A 390 -9.11 -27.47 -17.60
CA THR A 390 -9.34 -28.83 -17.11
C THR A 390 -9.91 -28.80 -15.69
N ASP A 391 -10.23 -27.60 -15.21
CA ASP A 391 -10.83 -27.44 -13.89
C ASP A 391 -12.25 -28.00 -13.92
N PRO A 392 -12.56 -28.92 -13.00
CA PRO A 392 -13.85 -29.61 -12.95
C PRO A 392 -15.03 -28.64 -12.79
N TYR A 393 -14.79 -27.53 -12.09
CA TYR A 393 -15.84 -26.57 -11.81
C TYR A 393 -16.06 -25.56 -12.95
N VAL A 394 -14.98 -25.18 -13.64
CA VAL A 394 -15.11 -24.24 -14.74
C VAL A 394 -15.52 -24.96 -16.03
N ARG A 395 -15.28 -26.26 -16.09
CA ARG A 395 -15.78 -27.07 -17.19
C ARG A 395 -17.27 -27.26 -17.00
N GLU A 396 -17.68 -27.36 -15.74
CA GLU A 396 -19.09 -27.47 -15.37
C GLU A 396 -19.86 -26.25 -15.85
N PHE A 397 -19.25 -25.09 -15.73
CA PHE A 397 -19.88 -23.83 -16.13
C PHE A 397 -19.56 -23.46 -17.57
N GLY A 398 -18.85 -24.36 -18.25
CA GLY A 398 -18.56 -24.20 -19.66
C GLY A 398 -17.66 -23.02 -19.99
N ILE A 399 -16.86 -22.59 -19.02
CA ILE A 399 -15.98 -21.45 -19.19
C ILE A 399 -14.61 -21.90 -19.71
N MET A 400 -14.07 -21.14 -20.66
CA MET A 400 -12.76 -21.46 -21.22
C MET A 400 -11.83 -20.25 -21.12
N VAL A 401 -10.54 -20.52 -20.88
CA VAL A 401 -9.55 -19.45 -20.72
C VAL A 401 -8.33 -19.69 -21.60
N LYS A 402 -7.88 -18.65 -22.30
CA LYS A 402 -6.70 -18.74 -23.15
C LYS A 402 -5.42 -18.99 -22.34
N ASP A 403 -4.41 -19.54 -22.99
CA ASP A 403 -3.14 -19.84 -22.34
C ASP A 403 -2.09 -18.82 -22.74
N GLU A 404 -2.49 -17.87 -23.59
CA GLU A 404 -1.59 -16.82 -24.05
C GLU A 404 -2.06 -15.46 -23.54
N MET A 405 -1.10 -14.59 -23.23
CA MET A 405 -1.34 -13.25 -22.73
C MET A 405 -1.95 -12.37 -23.79
N THR A 406 -2.78 -11.44 -23.38
CA THR A 406 -3.46 -10.56 -24.29
C THR A 406 -2.54 -9.62 -24.97
N ASP A 407 -2.78 -9.37 -26.22
CA ASP A 407 -1.92 -8.55 -27.00
C ASP A 407 -2.51 -7.16 -27.04
N VAL A 408 -1.75 -6.17 -26.63
CA VAL A 408 -2.23 -4.80 -26.54
C VAL A 408 -1.28 -3.88 -27.22
N THR A 409 -1.78 -2.81 -27.78
CA THR A 409 -0.94 -1.77 -28.29
C THR A 409 -0.83 -0.60 -27.32
N GLY A 410 0.38 -0.17 -27.07
CA GLY A 410 0.61 0.92 -26.19
C GLY A 410 1.20 2.01 -27.01
N ARG A 411 1.08 3.24 -26.55
CA ARG A 411 1.72 4.34 -27.19
C ARG A 411 2.72 4.88 -26.22
N VAL A 412 3.93 5.15 -26.63
CA VAL A 412 4.91 5.74 -25.76
C VAL A 412 4.90 7.21 -26.04
N LEU A 413 4.39 7.94 -25.08
CA LEU A 413 4.28 9.39 -25.18
C LEU A 413 5.67 10.04 -25.16
N GLN A 414 5.77 11.21 -25.80
CA GLN A 414 7.01 11.95 -25.82
C GLN A 414 7.16 12.73 -24.52
N PRO A 415 8.31 12.55 -23.83
CA PRO A 415 8.59 13.24 -22.58
C PRO A 415 8.74 14.74 -22.78
N PRO A 416 8.29 15.55 -21.81
CA PRO A 416 8.39 17.00 -21.90
C PRO A 416 9.82 17.47 -21.70
N SER A 417 10.22 18.53 -22.39
CA SER A 417 11.53 19.12 -22.19
C SER A 417 11.54 19.80 -20.82
N ILE A 418 12.54 19.47 -20.00
CA ILE A 418 12.64 20.07 -18.68
C ILE A 418 13.60 21.27 -18.69
N LEU A 419 13.09 22.42 -18.26
CA LEU A 419 13.81 23.68 -18.40
C LEU A 419 14.59 24.08 -17.15
N TYR A 420 15.88 24.32 -17.33
CA TYR A 420 16.75 24.76 -16.25
C TYR A 420 17.14 26.23 -16.42
N GLY A 421 17.73 26.81 -15.39
CA GLY A 421 18.10 28.22 -15.42
C GLY A 421 19.55 28.46 -15.79
N GLY A 422 20.26 29.20 -14.94
CA GLY A 422 21.64 29.56 -15.21
C GLY A 422 21.74 30.70 -16.20
N ARG A 423 22.84 30.75 -16.93
CA ARG A 423 23.04 31.80 -17.94
C ARG A 423 22.77 31.27 -19.35
N ASN A 424 22.85 29.95 -19.51
CA ASN A 424 22.67 29.31 -20.81
C ASN A 424 21.26 28.81 -21.05
N LYS A 425 20.43 28.83 -20.00
CA LYS A 425 19.06 28.34 -20.06
C LYS A 425 19.03 26.91 -20.61
N ALA A 426 19.89 26.06 -20.05
CA ALA A 426 20.08 24.71 -20.55
C ALA A 426 18.81 23.86 -20.47
N ILE A 427 18.33 23.42 -21.64
CA ILE A 427 17.18 22.55 -21.71
C ILE A 427 17.61 21.10 -21.69
N ALA A 428 17.10 20.33 -20.73
CA ALA A 428 17.41 18.91 -20.65
C ALA A 428 16.31 18.09 -21.30
N THR A 429 16.71 17.08 -22.07
CA THR A 429 15.75 16.17 -22.71
C THR A 429 15.83 14.80 -22.05
N PRO A 430 14.75 14.40 -21.37
CA PRO A 430 14.68 13.11 -20.69
C PRO A 430 14.90 11.95 -21.66
N VAL A 431 15.78 11.03 -21.30
CA VAL A 431 16.01 9.83 -22.10
C VAL A 431 15.76 8.59 -21.26
N GLN A 432 14.71 7.86 -21.60
CA GLN A 432 14.28 6.68 -20.86
C GLN A 432 14.01 7.01 -19.38
N GLY A 433 13.17 8.03 -19.15
CA GLY A 433 12.74 8.39 -17.82
C GLY A 433 13.81 9.02 -16.96
N VAL A 434 14.97 9.31 -17.55
CA VAL A 434 16.10 9.87 -16.81
C VAL A 434 16.72 11.06 -17.54
N TRP A 435 17.17 12.06 -16.77
CA TRP A 435 18.04 13.11 -17.29
C TRP A 435 19.07 13.49 -16.25
N ASP A 436 20.01 14.35 -16.63
CA ASP A 436 21.09 14.73 -15.74
C ASP A 436 21.10 16.24 -15.48
N MET A 437 21.95 16.67 -14.56
CA MET A 437 22.09 18.09 -14.25
C MET A 437 23.47 18.64 -14.59
N ARG A 438 24.33 17.80 -15.15
CA ARG A 438 25.67 18.24 -15.51
C ARG A 438 25.59 19.36 -16.55
N ASN A 439 26.45 20.36 -16.41
CA ASN A 439 26.47 21.53 -17.29
C ASN A 439 25.13 22.28 -17.29
N LYS A 440 24.35 22.08 -16.22
CA LYS A 440 23.05 22.74 -16.08
C LYS A 440 22.89 23.31 -14.68
N GLN A 441 22.05 24.34 -14.55
CA GLN A 441 21.86 25.02 -13.27
C GLN A 441 20.39 25.30 -12.98
N PHE A 442 20.06 25.43 -11.70
CA PHE A 442 18.69 25.60 -11.24
C PHE A 442 17.97 26.78 -11.90
N HIS A 443 16.65 26.66 -12.03
CA HIS A 443 15.81 27.71 -12.58
C HIS A 443 15.98 28.99 -11.76
N THR A 444 15.70 28.90 -10.46
CA THR A 444 15.99 29.99 -9.54
C THR A 444 16.73 29.45 -8.32
N GLY A 445 18.05 29.37 -8.42
CA GLY A 445 18.87 28.91 -7.32
C GLY A 445 18.94 29.91 -6.20
N ILE A 446 19.00 29.43 -4.96
CA ILE A 446 19.02 30.30 -3.80
C ILE A 446 20.44 30.50 -3.27
N GLU A 447 20.80 31.75 -3.01
CA GLU A 447 22.12 32.09 -2.52
C GLU A 447 22.25 31.82 -1.02
N ILE A 448 22.70 30.62 -0.67
CA ILE A 448 22.94 30.28 0.73
C ILE A 448 24.13 31.06 1.27
N LYS A 449 23.88 31.90 2.28
CA LYS A 449 24.93 32.73 2.86
C LYS A 449 25.14 32.42 4.34
N VAL A 450 24.07 32.03 5.01
CA VAL A 450 24.14 31.69 6.44
C VAL A 450 23.55 30.31 6.69
N TRP A 451 24.34 29.42 7.28
CA TRP A 451 23.90 28.06 7.54
C TRP A 451 24.72 27.39 8.63
N ALA A 452 24.11 26.46 9.35
CA ALA A 452 24.77 25.79 10.46
C ALA A 452 24.87 24.27 10.24
N ILE A 453 25.70 23.62 11.05
CA ILE A 453 25.87 22.17 10.98
C ILE A 453 25.75 21.53 12.37
N ALA A 454 24.87 20.55 12.48
CA ALA A 454 24.69 19.83 13.74
C ALA A 454 25.00 18.35 13.58
N CYS A 455 26.17 17.93 14.04
CA CYS A 455 26.59 16.54 13.91
C CYS A 455 26.20 15.72 15.14
N PHE A 456 25.25 14.82 14.97
CA PHE A 456 24.81 13.95 16.06
C PHE A 456 25.56 12.63 16.07
N ALA A 457 26.46 12.46 15.10
CA ALA A 457 27.35 11.30 15.08
C ALA A 457 28.56 11.61 15.96
N PRO A 458 29.07 10.59 16.66
CA PRO A 458 30.24 10.76 17.53
C PRO A 458 31.43 11.31 16.76
N GLN A 459 32.21 12.19 17.40
CA GLN A 459 33.36 12.81 16.74
C GLN A 459 34.40 11.76 16.38
N ARG A 460 34.37 10.62 17.05
CA ARG A 460 35.29 9.52 16.77
C ARG A 460 35.03 8.97 15.37
N GLN A 461 33.76 8.85 15.01
CA GLN A 461 33.38 8.42 13.66
C GLN A 461 33.48 9.58 12.67
N CYS A 462 32.79 10.67 12.98
CA CYS A 462 32.76 11.83 12.09
C CYS A 462 33.66 12.94 12.62
N THR A 463 34.80 13.15 11.96
CA THR A 463 35.79 14.12 12.42
C THR A 463 35.62 15.48 11.74
N GLU A 464 36.38 16.46 12.21
CA GLU A 464 36.36 17.80 11.62
C GLU A 464 36.91 17.76 10.20
N VAL A 465 37.80 16.80 9.94
CA VAL A 465 38.34 16.60 8.61
C VAL A 465 37.26 16.07 7.68
N HIS A 466 36.42 15.19 8.21
CA HIS A 466 35.31 14.64 7.46
C HIS A 466 34.31 15.72 7.09
N LEU A 467 33.96 16.53 8.07
CA LEU A 467 32.99 17.55 7.82
C LEU A 467 33.52 18.56 6.83
N LYS A 468 34.77 18.91 6.98
CA LYS A 468 35.38 19.90 6.15
C LYS A 468 35.52 19.45 4.72
N SER A 469 35.87 18.19 4.58
CA SER A 469 35.98 17.60 3.27
C SER A 469 34.62 17.63 2.65
N PHE A 470 33.66 17.20 3.43
CA PHE A 470 32.34 16.95 2.94
C PHE A 470 31.84 18.25 2.42
N THR A 471 32.06 19.26 3.24
CA THR A 471 31.59 20.58 2.99
C THR A 471 32.19 21.19 1.77
N GLU A 472 33.48 21.01 1.62
CA GLU A 472 34.20 21.53 0.50
C GLU A 472 33.74 20.83 -0.76
N GLN A 473 33.51 19.53 -0.64
CA GLN A 473 32.94 18.77 -1.74
C GLN A 473 31.54 19.22 -1.99
N LEU A 474 30.83 19.48 -0.91
CA LEU A 474 29.46 19.90 -1.05
C LEU A 474 29.30 21.22 -1.75
N ARG A 475 30.10 22.20 -1.36
CA ARG A 475 29.96 23.55 -1.87
C ARG A 475 30.23 23.59 -3.32
N LYS A 476 31.18 22.78 -3.74
CA LYS A 476 31.64 22.72 -5.12
C LYS A 476 30.53 22.27 -6.01
N ILE A 477 29.76 21.31 -5.54
CA ILE A 477 28.58 20.90 -6.26
C ILE A 477 27.58 22.03 -6.29
N SER A 478 27.43 22.71 -5.18
CA SER A 478 26.42 23.73 -5.06
C SER A 478 26.70 24.75 -6.11
N ARG A 479 27.98 25.00 -6.32
CA ARG A 479 28.40 26.04 -7.24
C ARG A 479 27.88 25.78 -8.65
N ASP A 480 28.15 24.58 -9.16
CA ASP A 480 27.78 24.23 -10.53
C ASP A 480 26.30 23.88 -10.63
N ALA A 481 25.61 23.84 -9.50
CA ALA A 481 24.20 23.50 -9.46
C ALA A 481 23.32 24.73 -9.68
N GLY A 482 23.94 25.91 -9.59
CA GLY A 482 23.20 27.15 -9.72
C GLY A 482 22.68 27.62 -8.37
N MET A 483 23.12 26.93 -7.33
CA MET A 483 22.73 27.27 -5.96
C MET A 483 23.98 27.35 -5.10
N PRO A 484 24.71 28.48 -5.20
CA PRO A 484 26.02 28.62 -4.54
C PRO A 484 25.91 28.78 -3.02
N ILE A 485 26.71 28.02 -2.29
CA ILE A 485 26.84 28.21 -0.85
C ILE A 485 28.02 29.13 -0.57
N GLN A 486 27.75 30.27 0.07
CA GLN A 486 28.76 31.29 0.27
C GLN A 486 29.61 31.05 1.53
N GLY A 487 30.68 30.28 1.38
CA GLY A 487 31.65 30.12 2.43
C GLY A 487 31.33 29.05 3.47
N GLN A 488 32.09 29.09 4.57
CA GLN A 488 31.98 28.11 5.65
C GLN A 488 30.67 28.27 6.42
N PRO A 489 30.23 27.21 7.12
CA PRO A 489 29.05 27.34 7.97
C PRO A 489 29.34 28.22 9.19
N CYS A 490 28.41 29.11 9.51
CA CYS A 490 28.58 30.04 10.61
C CYS A 490 28.64 29.31 11.96
N PHE A 491 28.05 28.12 12.01
CA PHE A 491 28.00 27.35 13.24
C PHE A 491 28.28 25.88 12.97
N CYS A 492 28.93 25.22 13.93
CA CYS A 492 29.25 23.80 13.80
C CYS A 492 29.51 23.20 15.18
N LYS A 493 28.70 22.23 15.57
CA LYS A 493 28.78 21.63 16.90
C LYS A 493 28.49 20.14 16.86
N TYR A 494 28.76 19.47 17.98
CA TYR A 494 28.41 18.06 18.14
C TYR A 494 27.36 17.92 19.23
N ALA A 495 26.56 16.86 19.17
CA ALA A 495 25.50 16.65 20.14
C ALA A 495 25.10 15.18 20.29
N GLN A 496 24.21 14.92 21.23
CA GLN A 496 23.68 13.58 21.46
C GLN A 496 22.33 13.63 22.16
N GLY A 497 21.38 12.86 21.65
CA GLY A 497 20.04 12.81 22.22
C GLY A 497 19.11 13.80 21.56
N ALA A 498 17.83 13.45 21.50
CA ALA A 498 16.82 14.32 20.89
C ALA A 498 16.51 15.51 21.79
N ASP A 499 16.99 15.45 23.03
CA ASP A 499 16.76 16.52 23.99
C ASP A 499 17.69 17.70 23.71
N SER A 500 18.73 17.45 22.93
CA SER A 500 19.72 18.47 22.61
C SER A 500 19.41 19.16 21.29
N VAL A 501 18.25 18.87 20.72
CA VAL A 501 17.85 19.44 19.44
C VAL A 501 17.41 20.89 19.57
N GLU A 502 16.28 21.11 20.25
CA GLU A 502 15.75 22.45 20.41
C GLU A 502 16.61 23.47 21.18
N PRO A 503 17.31 23.04 22.25
CA PRO A 503 18.17 24.04 22.92
C PRO A 503 19.24 24.58 21.98
N MET A 504 19.69 23.75 21.05
CA MET A 504 20.61 24.18 20.01
C MET A 504 19.85 24.96 18.95
N PHE A 505 18.63 24.52 18.66
CA PHE A 505 17.83 25.13 17.61
C PHE A 505 17.29 26.52 17.99
N ARG A 506 16.91 26.69 19.25
CA ARG A 506 16.54 28.00 19.76
C ARG A 506 17.75 28.91 19.67
N HIS A 507 18.89 28.39 20.10
CA HIS A 507 20.16 29.10 20.09
C HIS A 507 20.53 29.60 18.70
N LEU A 508 20.32 28.75 17.69
CA LEU A 508 20.66 29.09 16.31
C LEU A 508 19.81 30.22 15.75
N LYS A 509 18.49 30.13 15.96
CA LYS A 509 17.57 31.13 15.44
C LYS A 509 17.75 32.47 16.15
N ASN A 510 18.17 32.43 17.41
CA ASN A 510 18.37 33.64 18.19
C ASN A 510 19.69 34.34 17.90
N THR A 511 20.76 33.56 17.79
CA THR A 511 22.10 34.12 17.65
C THR A 511 22.55 34.35 16.20
N TYR A 512 21.82 33.76 15.26
CA TYR A 512 22.15 33.93 13.85
C TYR A 512 21.00 34.54 13.05
N ALA A 513 21.08 35.85 12.82
CA ALA A 513 20.07 36.54 12.04
C ALA A 513 20.19 36.20 10.56
N GLY A 514 19.11 35.71 9.96
CA GLY A 514 19.11 35.34 8.57
C GLY A 514 19.58 33.93 8.34
N LEU A 515 19.45 33.08 9.36
CA LEU A 515 19.82 31.67 9.25
C LEU A 515 18.91 30.96 8.26
N GLN A 516 19.52 30.31 7.27
CA GLN A 516 18.75 29.68 6.20
C GLN A 516 18.57 28.18 6.39
N LEU A 517 19.67 27.47 6.62
CA LEU A 517 19.64 26.02 6.65
C LEU A 517 20.49 25.42 7.78
N VAL A 518 19.94 24.38 8.41
CA VAL A 518 20.68 23.62 9.41
C VAL A 518 20.92 22.21 8.88
N VAL A 519 22.19 21.83 8.73
CA VAL A 519 22.53 20.52 8.20
C VAL A 519 22.80 19.52 9.33
N VAL A 520 21.76 18.77 9.70
CA VAL A 520 21.87 17.77 10.76
C VAL A 520 22.49 16.48 10.24
N ILE A 521 23.49 15.98 10.97
CA ILE A 521 24.17 14.75 10.58
C ILE A 521 23.87 13.63 11.56
N LEU A 522 23.37 12.51 11.03
CA LEU A 522 22.86 11.43 11.88
C LEU A 522 23.64 10.13 11.73
N PRO A 523 23.77 9.38 12.84
CA PRO A 523 24.40 8.06 12.83
C PRO A 523 23.39 6.93 12.62
N GLY A 524 23.04 6.67 11.37
CA GLY A 524 22.11 5.60 11.06
C GLY A 524 20.68 5.92 11.45
N LYS A 525 20.03 4.99 12.15
CA LYS A 525 18.66 5.19 12.59
C LYS A 525 18.57 5.69 14.02
N THR A 526 17.83 6.77 14.23
CA THR A 526 17.67 7.35 15.55
C THR A 526 16.42 8.22 15.62
N PRO A 527 15.78 8.27 16.80
CA PRO A 527 14.60 9.11 17.05
C PRO A 527 14.92 10.61 17.02
N VAL A 528 16.19 10.95 16.87
CA VAL A 528 16.61 12.35 16.76
C VAL A 528 15.97 12.99 15.53
N TYR A 529 15.92 12.24 14.44
CA TYR A 529 15.32 12.70 13.19
C TYR A 529 13.87 13.13 13.39
N ALA A 530 13.14 12.37 14.21
CA ALA A 530 11.75 12.69 14.49
C ALA A 530 11.63 14.03 15.24
N GLU A 531 12.60 14.28 16.12
CA GLU A 531 12.63 15.53 16.89
C GLU A 531 13.16 16.69 16.05
N VAL A 532 14.13 16.40 15.20
CA VAL A 532 14.69 17.40 14.29
C VAL A 532 13.61 17.93 13.36
N LYS A 533 12.81 17.03 12.81
CA LYS A 533 11.73 17.40 11.91
C LYS A 533 10.55 18.01 12.66
N ARG A 534 10.37 17.59 13.91
CA ARG A 534 9.30 18.13 14.75
C ARG A 534 9.56 19.61 15.05
N VAL A 535 10.69 19.89 15.68
CA VAL A 535 11.06 21.26 16.04
C VAL A 535 11.23 22.14 14.81
N GLY A 536 11.89 21.62 13.78
CA GLY A 536 12.20 22.39 12.59
C GLY A 536 11.01 22.76 11.73
N ASP A 537 9.91 22.01 11.86
CA ASP A 537 8.74 22.24 11.02
C ASP A 537 7.56 22.79 11.82
N THR A 538 7.58 22.62 13.14
CA THR A 538 6.44 23.02 13.96
C THR A 538 6.81 24.11 14.97
N VAL A 539 7.91 23.92 15.69
CA VAL A 539 8.28 24.84 16.76
C VAL A 539 8.97 26.10 16.25
N LEU A 540 10.24 25.98 15.84
CA LEU A 540 11.00 27.15 15.38
C LEU A 540 10.69 27.52 13.93
N GLY A 541 10.44 26.52 13.09
CA GLY A 541 10.11 26.76 11.70
C GLY A 541 11.29 27.17 10.85
N MET A 542 12.25 26.28 10.72
CA MET A 542 13.42 26.52 9.87
C MET A 542 13.87 25.23 9.19
N ALA A 543 14.28 25.36 7.93
CA ALA A 543 14.63 24.21 7.11
C ALA A 543 15.82 23.43 7.67
N THR A 544 15.67 22.11 7.74
CA THR A 544 16.72 21.24 8.24
C THR A 544 16.96 20.05 7.31
N GLN A 545 18.10 20.06 6.63
CA GLN A 545 18.46 18.95 5.75
C GLN A 545 19.27 17.91 6.53
N CYS A 546 18.85 16.65 6.46
CA CYS A 546 19.53 15.58 7.17
C CYS A 546 20.37 14.71 6.25
N VAL A 547 21.43 14.14 6.80
CA VAL A 547 22.32 13.27 6.05
C VAL A 547 23.00 12.27 6.99
N GLN A 548 22.98 11.00 6.62
CA GLN A 548 23.58 9.95 7.44
C GLN A 548 25.09 10.09 7.54
N MET A 549 25.66 9.48 8.58
CA MET A 549 27.09 9.54 8.84
C MET A 549 27.91 8.98 7.69
N LYS A 550 27.43 7.89 7.11
CA LYS A 550 28.14 7.21 6.03
C LYS A 550 28.31 8.06 4.78
N ASN A 551 27.35 8.95 4.54
CA ASN A 551 27.39 9.83 3.37
C ASN A 551 28.27 11.07 3.59
N VAL A 552 28.76 11.22 4.81
CA VAL A 552 29.70 12.31 5.13
C VAL A 552 31.12 11.76 5.12
N GLN A 553 31.28 10.56 5.65
CA GLN A 553 32.57 9.87 5.66
C GLN A 553 33.05 9.63 4.23
N ARG A 554 32.10 9.31 3.35
CA ARG A 554 32.40 9.07 1.94
C ARG A 554 31.35 9.77 1.07
N THR A 555 31.80 10.68 0.21
CA THR A 555 30.88 11.49 -0.58
C THR A 555 30.99 11.20 -2.08
N THR A 556 29.85 11.23 -2.76
CA THR A 556 29.82 11.05 -4.21
C THR A 556 29.11 12.24 -4.85
N PRO A 557 29.58 12.66 -6.05
CA PRO A 557 29.01 13.80 -6.77
C PRO A 557 27.51 13.67 -7.03
N GLN A 558 27.04 12.44 -7.25
CA GLN A 558 25.63 12.20 -7.52
C GLN A 558 24.79 12.37 -6.26
N THR A 559 25.26 11.79 -5.17
CA THR A 559 24.56 11.88 -3.88
C THR A 559 24.51 13.33 -3.41
N LEU A 560 25.62 14.03 -3.56
CA LEU A 560 25.70 15.45 -3.19
C LEU A 560 24.77 16.28 -4.07
N SER A 561 24.66 15.91 -5.34
CA SER A 561 23.81 16.63 -6.27
C SER A 561 22.33 16.51 -5.89
N ASN A 562 21.93 15.31 -5.49
CA ASN A 562 20.56 15.07 -5.07
C ASN A 562 20.24 15.76 -3.76
N LEU A 563 21.26 16.02 -2.95
CA LEU A 563 21.11 16.82 -1.74
C LEU A 563 20.79 18.25 -2.12
N CYS A 564 21.50 18.76 -3.13
CA CYS A 564 21.28 20.12 -3.62
C CYS A 564 19.88 20.28 -4.20
N LEU A 565 19.30 19.18 -4.65
CA LEU A 565 17.93 19.18 -5.15
C LEU A 565 16.96 19.40 -4.00
N LYS A 566 17.29 18.85 -2.84
CA LYS A 566 16.40 18.89 -1.69
C LYS A 566 16.50 20.20 -0.90
N ILE A 567 17.68 20.79 -0.84
CA ILE A 567 17.86 22.00 -0.05
C ILE A 567 17.48 23.27 -0.81
N ASN A 568 17.51 23.19 -2.14
CA ASN A 568 17.11 24.34 -2.95
C ASN A 568 15.61 24.58 -2.82
N VAL A 569 14.84 23.50 -2.88
CA VAL A 569 13.39 23.58 -2.77
C VAL A 569 12.94 23.85 -1.34
N LYS A 570 13.73 23.41 -0.37
CA LYS A 570 13.43 23.65 1.03
C LYS A 570 13.58 25.12 1.39
N LEU A 571 14.43 25.82 0.64
CA LEU A 571 14.62 27.25 0.84
C LEU A 571 13.83 28.08 -0.16
N GLY A 572 12.74 27.50 -0.66
CA GLY A 572 11.85 28.19 -1.57
C GLY A 572 12.45 28.46 -2.94
N GLY A 573 13.18 27.49 -3.46
CA GLY A 573 13.81 27.63 -4.76
C GLY A 573 13.15 26.79 -5.83
N VAL A 574 13.49 27.06 -7.08
CA VAL A 574 12.96 26.30 -8.21
C VAL A 574 14.07 25.58 -8.95
N ASN A 575 14.09 24.25 -8.82
CA ASN A 575 15.11 23.44 -9.47
C ASN A 575 14.96 23.45 -10.99
N ASN A 576 13.75 23.17 -11.47
CA ASN A 576 13.46 23.13 -12.88
C ASN A 576 11.97 23.13 -13.16
N ILE A 577 11.57 23.67 -14.30
CA ILE A 577 10.16 23.73 -14.68
C ILE A 577 9.92 23.08 -16.03
N LEU A 578 8.68 22.66 -16.27
CA LEU A 578 8.30 22.11 -17.58
C LEU A 578 8.44 23.21 -18.62
N LEU A 579 8.85 22.82 -19.82
CA LEU A 579 9.01 23.78 -20.91
C LEU A 579 7.64 24.39 -21.25
N PRO A 580 7.51 25.71 -21.07
CA PRO A 580 6.25 26.45 -21.22
C PRO A 580 5.54 26.16 -22.53
N GLN A 581 6.25 26.22 -23.65
CA GLN A 581 5.65 25.98 -24.95
C GLN A 581 5.19 24.53 -25.12
N GLY A 582 5.85 23.62 -24.41
CA GLY A 582 5.51 22.21 -24.47
C GLY A 582 4.58 21.80 -23.33
N ARG A 583 3.41 22.42 -23.27
CA ARG A 583 2.44 22.15 -22.21
C ARG A 583 1.03 22.01 -22.77
N PRO A 584 0.19 21.19 -22.10
CA PRO A 584 -1.22 21.02 -22.48
C PRO A 584 -1.99 22.33 -22.46
N PRO A 585 -3.08 22.42 -23.23
CA PRO A 585 -3.91 23.63 -23.33
C PRO A 585 -4.66 23.98 -22.04
N VAL A 586 -4.41 23.23 -20.98
CA VAL A 586 -5.10 23.48 -19.70
C VAL A 586 -4.41 24.60 -18.91
N PHE A 587 -3.14 24.85 -19.24
CA PHE A 587 -2.36 25.86 -18.54
C PHE A 587 -2.63 27.27 -19.06
N GLN A 588 -3.45 27.37 -20.11
CA GLN A 588 -3.79 28.67 -20.69
C GLN A 588 -4.53 29.54 -19.68
N GLN A 589 -5.32 28.89 -18.83
CA GLN A 589 -6.03 29.58 -17.76
C GLN A 589 -5.47 29.10 -16.43
N PRO A 590 -5.62 29.90 -15.37
CA PRO A 590 -5.17 29.49 -14.03
C PRO A 590 -5.76 28.15 -13.60
N VAL A 591 -4.91 27.27 -13.06
CA VAL A 591 -5.35 25.95 -12.65
C VAL A 591 -4.49 25.42 -11.49
N ILE A 592 -5.15 24.83 -10.50
CA ILE A 592 -4.45 24.25 -9.36
C ILE A 592 -4.47 22.72 -9.46
N PHE A 593 -3.33 22.10 -9.13
CA PHE A 593 -3.23 20.65 -9.16
C PHE A 593 -3.15 20.09 -7.74
N LEU A 594 -4.15 19.31 -7.37
CA LEU A 594 -4.22 18.75 -6.02
C LEU A 594 -3.73 17.31 -5.98
N GLY A 595 -3.10 16.95 -4.87
CA GLY A 595 -2.66 15.58 -4.63
C GLY A 595 -3.07 15.14 -3.25
N ALA A 596 -3.76 14.01 -3.17
CA ALA A 596 -4.30 13.54 -1.89
C ALA A 596 -4.00 12.08 -1.63
N ASP A 597 -3.64 11.77 -0.39
CA ASP A 597 -3.39 10.40 0.04
C ASP A 597 -3.52 10.30 1.56
N VAL A 598 -4.09 9.20 2.02
CA VAL A 598 -4.20 8.94 3.45
C VAL A 598 -3.48 7.65 3.84
N THR A 599 -2.56 7.75 4.79
CA THR A 599 -1.82 6.58 5.27
C THR A 599 -2.41 6.09 6.59
N HIS A 600 -2.32 4.79 6.82
CA HIS A 600 -2.94 4.17 7.99
C HIS A 600 -1.92 3.47 8.88
N PRO A 601 -2.21 3.40 10.19
CA PRO A 601 -1.40 2.63 11.13
C PRO A 601 -1.78 1.15 11.07
N PRO A 602 -0.90 0.26 11.57
CA PRO A 602 -1.20 -1.18 11.58
C PRO A 602 -2.46 -1.50 12.39
N GLY A 606 -1.50 -0.15 16.09
CA GLY A 606 -2.21 0.12 17.33
C GLY A 606 -3.50 0.90 17.11
N LYS A 607 -3.96 1.58 18.15
CA LYS A 607 -5.17 2.39 18.06
C LYS A 607 -4.86 3.81 17.60
N LYS A 608 -3.87 3.93 16.73
CA LYS A 608 -3.45 5.22 16.19
C LYS A 608 -4.41 5.68 15.08
N PRO A 609 -4.47 7.00 14.85
CA PRO A 609 -5.36 7.54 13.82
C PRO A 609 -4.76 7.48 12.42
N SER A 610 -5.61 7.60 11.40
CA SER A 610 -5.16 7.68 10.02
C SER A 610 -4.79 9.13 9.69
N ILE A 611 -3.83 9.31 8.80
CA ILE A 611 -3.34 10.64 8.46
C ILE A 611 -3.67 11.01 7.02
N ALA A 612 -4.52 12.01 6.84
CA ALA A 612 -4.90 12.48 5.51
C ALA A 612 -4.08 13.73 5.14
N ALA A 613 -3.48 13.69 3.96
CA ALA A 613 -2.67 14.80 3.48
C ALA A 613 -3.08 15.24 2.08
N VAL A 614 -3.27 16.55 1.91
CA VAL A 614 -3.66 17.10 0.61
C VAL A 614 -2.77 18.28 0.23
N VAL A 615 -2.13 18.19 -0.93
CA VAL A 615 -1.26 19.26 -1.41
C VAL A 615 -1.87 19.97 -2.62
N GLY A 616 -1.30 21.11 -2.97
CA GLY A 616 -1.78 21.89 -4.10
C GLY A 616 -0.70 22.78 -4.67
N SER A 617 -0.68 22.92 -5.99
CA SER A 617 0.31 23.75 -6.67
C SER A 617 0.11 25.22 -6.32
N MET A 618 1.20 25.99 -6.37
CA MET A 618 1.14 27.40 -5.99
C MET A 618 1.74 28.31 -7.06
N ASP A 619 1.98 27.77 -8.24
CA ASP A 619 2.45 28.55 -9.38
C ASP A 619 1.95 27.98 -10.70
N ALA A 620 2.42 28.52 -11.81
CA ALA A 620 1.93 28.13 -13.13
C ALA A 620 2.85 27.14 -13.82
N HIS A 621 3.92 26.72 -13.13
CA HIS A 621 4.92 25.86 -13.74
C HIS A 621 4.45 24.44 -14.10
N PRO A 622 3.90 23.68 -13.12
CA PRO A 622 3.77 23.89 -11.68
C PRO A 622 4.97 23.33 -10.93
N ASN A 623 5.36 23.97 -9.83
CA ASN A 623 6.55 23.55 -9.11
C ASN A 623 6.38 23.58 -7.59
N ARG A 624 6.04 24.75 -7.06
CA ARG A 624 5.88 24.92 -5.62
C ARG A 624 4.54 24.39 -5.12
N TYR A 625 4.57 23.71 -3.98
CA TYR A 625 3.35 23.13 -3.41
C TYR A 625 3.22 23.45 -1.92
N CYS A 626 1.99 23.69 -1.48
CA CYS A 626 1.70 23.83 -0.06
C CYS A 626 1.02 22.57 0.45
N ALA A 627 1.21 22.27 1.72
CA ALA A 627 0.73 21.01 2.28
C ALA A 627 -0.23 21.19 3.45
N THR A 628 -1.39 20.59 3.35
CA THR A 628 -2.33 20.50 4.45
C THR A 628 -2.33 19.07 4.97
N VAL A 629 -2.59 18.90 6.26
CA VAL A 629 -2.56 17.56 6.86
C VAL A 629 -3.52 17.46 8.05
N ARG A 630 -4.26 16.36 8.11
CA ARG A 630 -5.21 16.14 9.19
C ARG A 630 -5.08 14.75 9.78
N VAL A 631 -5.70 14.55 10.94
CA VAL A 631 -5.83 13.24 11.55
C VAL A 631 -7.30 12.86 11.54
N GLN A 632 -7.59 11.57 11.40
CA GLN A 632 -8.98 11.12 11.35
C GLN A 632 -9.15 9.71 11.91
N GLN A 633 -10.32 9.13 11.65
CA GLN A 633 -10.67 7.82 12.18
C GLN A 633 -9.67 6.73 11.79
N HIS A 634 -9.52 5.74 12.67
CA HIS A 634 -8.63 4.61 12.41
C HIS A 634 -9.11 3.81 11.20
N ARG A 635 -8.22 3.63 10.22
CA ARG A 635 -8.55 2.96 8.96
C ARG A 635 -9.75 3.61 8.29
N GLN A 636 -9.52 4.78 7.68
CA GLN A 636 -10.58 5.49 6.97
C GLN A 636 -9.99 6.19 5.75
N GLU A 637 -10.32 5.69 4.58
CA GLU A 637 -9.78 6.24 3.34
C GLU A 637 -10.43 7.56 2.98
N ILE A 638 -11.68 7.74 3.39
CA ILE A 638 -12.41 8.98 3.13
C ILE A 638 -11.78 10.14 3.89
N ILE A 639 -11.25 11.11 3.15
CA ILE A 639 -10.71 12.31 3.76
C ILE A 639 -11.85 13.12 4.36
N GLN A 640 -11.96 13.10 5.68
CA GLN A 640 -13.09 13.71 6.37
C GLN A 640 -13.11 15.23 6.23
N ASP A 641 -12.07 15.88 6.72
CA ASP A 641 -11.99 17.33 6.73
C ASP A 641 -11.41 17.87 5.42
N LEU A 642 -11.77 17.23 4.31
CA LEU A 642 -11.22 17.59 3.00
C LEU A 642 -11.62 18.99 2.57
N ALA A 643 -12.88 19.37 2.82
CA ALA A 643 -13.40 20.67 2.42
C ALA A 643 -12.60 21.81 3.04
N ALA A 644 -12.13 21.62 4.27
CA ALA A 644 -11.33 22.62 4.94
C ALA A 644 -9.93 22.71 4.36
N MET A 645 -9.35 21.55 4.05
CA MET A 645 -8.00 21.48 3.49
C MET A 645 -7.93 22.12 2.11
N VAL A 646 -8.91 21.80 1.26
CA VAL A 646 -8.99 22.36 -0.08
C VAL A 646 -9.17 23.88 0.00
N ARG A 647 -9.96 24.32 0.98
CA ARG A 647 -10.20 25.75 1.18
C ARG A 647 -8.90 26.49 1.46
N GLU A 648 -8.08 25.93 2.33
CA GLU A 648 -6.79 26.53 2.68
C GLU A 648 -5.88 26.64 1.45
N LEU A 649 -5.81 25.56 0.70
CA LEU A 649 -4.94 25.49 -0.48
C LEU A 649 -5.37 26.50 -1.55
N LEU A 650 -6.69 26.68 -1.69
CA LEU A 650 -7.22 27.65 -2.65
C LEU A 650 -6.85 29.07 -2.26
N ILE A 651 -6.84 29.34 -0.96
CA ILE A 651 -6.46 30.66 -0.45
C ILE A 651 -4.99 30.94 -0.77
N GLN A 652 -4.14 29.95 -0.52
CA GLN A 652 -2.71 30.08 -0.76
C GLN A 652 -2.40 30.27 -2.24
N PHE A 653 -3.22 29.68 -3.11
CA PHE A 653 -3.05 29.81 -4.54
C PHE A 653 -3.28 31.26 -4.97
N TYR A 654 -4.24 31.92 -4.31
CA TYR A 654 -4.54 33.32 -4.59
C TYR A 654 -3.48 34.22 -3.96
N LYS A 655 -2.97 33.82 -2.81
CA LYS A 655 -1.94 34.58 -2.12
C LYS A 655 -0.60 34.54 -2.84
N SER A 656 -0.49 33.66 -3.84
CA SER A 656 0.76 33.49 -4.56
C SER A 656 0.68 33.94 -6.02
N THR A 657 -0.52 33.97 -6.58
CA THR A 657 -0.67 34.25 -8.01
C THR A 657 -1.76 35.27 -8.33
N ARG A 658 -2.43 35.79 -7.31
CA ARG A 658 -3.61 36.65 -7.45
C ARG A 658 -4.72 36.00 -8.27
N PHE A 659 -4.61 34.70 -8.50
CA PHE A 659 -5.53 34.02 -9.41
C PHE A 659 -6.39 32.99 -8.71
N LYS A 660 -7.68 32.99 -9.05
CA LYS A 660 -8.60 31.97 -8.58
C LYS A 660 -8.68 30.91 -9.66
N PRO A 661 -8.33 29.66 -9.30
CA PRO A 661 -8.31 28.52 -10.23
C PRO A 661 -9.62 28.39 -10.99
N THR A 662 -9.53 28.32 -12.32
CA THR A 662 -10.71 28.12 -13.16
C THR A 662 -10.96 26.63 -13.30
N ARG A 663 -9.95 25.84 -12.96
CA ARG A 663 -10.04 24.39 -13.02
C ARG A 663 -9.36 23.75 -11.81
N ILE A 664 -9.90 22.62 -11.36
CA ILE A 664 -9.31 21.88 -10.26
C ILE A 664 -8.98 20.44 -10.68
N ILE A 665 -7.69 20.15 -10.80
CA ILE A 665 -7.26 18.80 -11.14
C ILE A 665 -6.89 18.04 -9.87
N PHE A 666 -7.57 16.94 -9.62
CA PHE A 666 -7.44 16.23 -8.34
C PHE A 666 -6.96 14.79 -8.53
N TYR A 667 -5.74 14.53 -8.09
CA TYR A 667 -5.17 13.17 -8.14
C TYR A 667 -5.27 12.47 -6.79
N ARG A 668 -6.28 11.62 -6.65
CA ARG A 668 -6.55 10.91 -5.41
C ARG A 668 -5.85 9.55 -5.39
N ASP A 669 -5.04 9.30 -4.37
CA ASP A 669 -4.25 8.08 -4.31
C ASP A 669 -4.75 7.08 -3.28
N GLY A 670 -4.92 5.83 -3.69
CA GLY A 670 -5.23 4.74 -2.78
C GLY A 670 -6.68 4.36 -2.68
N VAL A 671 -7.44 4.54 -3.77
CA VAL A 671 -8.85 4.19 -3.77
C VAL A 671 -9.16 3.04 -4.71
N SER A 672 -9.79 1.99 -4.19
CA SER A 672 -10.16 0.83 -4.97
C SER A 672 -11.49 1.06 -5.69
N GLU A 673 -11.81 0.18 -6.64
CA GLU A 673 -13.02 0.29 -7.45
C GLU A 673 -14.29 0.24 -6.61
N GLY A 674 -14.27 -0.57 -5.56
CA GLY A 674 -15.44 -0.76 -4.71
C GLY A 674 -15.74 0.44 -3.84
N GLN A 675 -14.81 1.39 -3.79
CA GLN A 675 -14.97 2.58 -2.97
C GLN A 675 -15.15 3.84 -3.81
N PHE A 676 -15.16 3.66 -5.14
CA PHE A 676 -15.27 4.79 -6.06
C PHE A 676 -16.48 5.66 -5.81
N GLN A 677 -17.66 5.05 -5.75
CA GLN A 677 -18.89 5.80 -5.55
C GLN A 677 -18.97 6.39 -4.15
N GLN A 678 -18.20 5.83 -3.22
CA GLN A 678 -18.15 6.34 -1.86
C GLN A 678 -17.35 7.63 -1.79
N VAL A 679 -16.10 7.59 -2.27
CA VAL A 679 -15.24 8.75 -2.22
C VAL A 679 -15.70 9.84 -3.18
N LEU A 680 -16.42 9.45 -4.22
CA LEU A 680 -16.92 10.42 -5.19
C LEU A 680 -18.06 11.21 -4.57
N HIS A 681 -18.85 10.56 -3.74
CA HIS A 681 -20.00 11.21 -3.12
C HIS A 681 -19.58 12.23 -2.07
N HIS A 682 -18.52 11.92 -1.32
CA HIS A 682 -18.12 12.78 -0.22
C HIS A 682 -17.02 13.77 -0.60
N GLU A 683 -16.06 13.33 -1.41
CA GLU A 683 -14.90 14.15 -1.73
C GLU A 683 -15.12 15.14 -2.88
N LEU A 684 -16.01 14.79 -3.81
CA LEU A 684 -16.33 15.72 -4.89
C LEU A 684 -17.15 16.89 -4.35
N LEU A 685 -18.10 16.58 -3.47
CA LEU A 685 -18.90 17.61 -2.82
C LEU A 685 -18.00 18.48 -1.95
N ALA A 686 -17.10 17.84 -1.20
CA ALA A 686 -16.18 18.54 -0.30
C ALA A 686 -15.37 19.59 -1.04
N ILE A 687 -14.93 19.26 -2.25
CA ILE A 687 -14.24 20.23 -3.09
C ILE A 687 -15.20 21.33 -3.53
N ARG A 688 -16.43 20.94 -3.88
CA ARG A 688 -17.44 21.91 -4.26
C ARG A 688 -17.86 22.76 -3.08
N GLU A 689 -17.93 22.15 -1.90
CA GLU A 689 -18.27 22.87 -0.67
C GLU A 689 -17.22 23.94 -0.37
N ALA A 690 -15.97 23.61 -0.65
CA ALA A 690 -14.86 24.54 -0.41
C ALA A 690 -14.90 25.71 -1.39
N CYS A 691 -15.39 25.46 -2.60
CA CYS A 691 -15.45 26.49 -3.62
C CYS A 691 -16.53 27.53 -3.34
N ILE A 692 -17.65 27.09 -2.79
CA ILE A 692 -18.78 27.99 -2.55
C ILE A 692 -18.77 28.62 -1.16
N LYS A 693 -17.91 28.12 -0.28
CA LYS A 693 -17.68 28.76 1.01
C LYS A 693 -16.84 30.01 0.79
N LEU A 694 -16.02 29.98 -0.25
CA LEU A 694 -15.24 31.15 -0.66
C LEU A 694 -16.16 32.20 -1.27
N GLU A 695 -16.71 31.88 -2.43
CA GLU A 695 -17.63 32.76 -3.13
C GLU A 695 -18.83 31.95 -3.63
N LYS A 696 -20.01 32.57 -3.61
CA LYS A 696 -21.25 31.88 -3.95
C LYS A 696 -21.25 31.28 -5.36
N ASP A 697 -20.87 32.09 -6.35
CA ASP A 697 -20.85 31.63 -7.73
C ASP A 697 -19.43 31.38 -8.24
N TYR A 698 -18.62 30.73 -7.42
CA TYR A 698 -17.30 30.31 -7.83
C TYR A 698 -17.29 28.81 -8.10
N GLN A 699 -17.53 28.43 -9.36
CA GLN A 699 -17.58 27.02 -9.73
C GLN A 699 -16.58 26.67 -10.81
N PRO A 700 -15.33 26.38 -10.41
CA PRO A 700 -14.30 25.94 -11.35
C PRO A 700 -14.56 24.49 -11.77
N GLY A 701 -14.13 24.13 -12.97
CA GLY A 701 -14.29 22.78 -13.46
C GLY A 701 -13.40 21.80 -12.70
N ILE A 702 -14.01 20.76 -12.14
CA ILE A 702 -13.28 19.80 -11.33
C ILE A 702 -13.06 18.47 -12.04
N THR A 703 -11.80 18.06 -12.12
CA THR A 703 -11.45 16.75 -12.66
C THR A 703 -10.94 15.85 -11.55
N PHE A 704 -11.70 14.80 -11.25
CA PHE A 704 -11.36 13.89 -10.17
C PHE A 704 -10.72 12.61 -10.73
N ILE A 705 -9.43 12.43 -10.48
CA ILE A 705 -8.71 11.26 -10.95
C ILE A 705 -8.14 10.45 -9.79
N VAL A 706 -8.43 9.15 -9.80
CA VAL A 706 -7.87 8.26 -8.79
C VAL A 706 -6.70 7.43 -9.34
N VAL A 707 -5.54 7.58 -8.72
CA VAL A 707 -4.34 6.89 -9.16
C VAL A 707 -4.09 5.61 -8.36
N GLN A 708 -3.77 4.52 -9.05
CA GLN A 708 -3.56 3.24 -8.39
C GLN A 708 -2.24 2.57 -8.78
N LYS A 709 -1.44 2.22 -7.78
CA LYS A 709 -0.27 1.38 -7.99
C LYS A 709 -0.50 0.02 -7.34
N ARG A 710 -1.54 -0.04 -6.51
CA ARG A 710 -1.90 -1.28 -5.84
C ARG A 710 -2.85 -2.11 -6.69
N HIS A 711 -2.31 -2.71 -7.75
CA HIS A 711 -3.07 -3.62 -8.60
C HIS A 711 -2.18 -4.73 -9.11
N HIS A 712 -2.71 -5.57 -9.99
CA HIS A 712 -1.96 -6.74 -10.46
C HIS A 712 -1.92 -6.84 -11.98
N THR A 713 -1.94 -5.71 -12.66
CA THR A 713 -1.84 -5.68 -14.11
C THR A 713 -0.43 -5.33 -14.56
N ARG A 714 0.24 -6.27 -15.22
CA ARG A 714 1.60 -6.05 -15.69
C ARG A 714 1.66 -6.03 -17.21
N LEU A 715 2.55 -5.21 -17.75
CA LEU A 715 2.72 -5.07 -19.19
C LEU A 715 4.13 -5.50 -19.60
N PHE A 716 4.21 -6.37 -20.60
CA PHE A 716 5.51 -6.86 -21.06
C PHE A 716 5.75 -6.53 -22.54
N CYS A 717 7.02 -6.36 -22.90
CA CYS A 717 7.38 -6.04 -24.28
C CYS A 717 7.37 -7.28 -25.16
N THR A 718 6.66 -7.19 -26.28
CA THR A 718 6.66 -8.28 -27.25
C THR A 718 8.01 -8.36 -27.95
N ASP A 719 8.43 -7.24 -28.54
CA ASP A 719 9.75 -7.15 -29.15
C ASP A 719 10.82 -7.05 -28.06
N LYS A 720 11.93 -7.75 -28.25
CA LYS A 720 13.03 -7.68 -27.30
C LYS A 720 13.83 -6.40 -27.50
N ASN A 721 13.55 -5.69 -28.59
CA ASN A 721 14.23 -4.43 -28.89
C ASN A 721 13.63 -3.25 -28.14
N GLU A 722 12.46 -3.45 -27.54
CA GLU A 722 11.79 -2.38 -26.81
C GLU A 722 12.05 -2.48 -25.31
N ARG A 723 12.66 -3.58 -24.88
CA ARG A 723 13.00 -3.77 -23.47
C ARG A 723 14.05 -2.75 -23.06
N VAL A 724 13.87 -2.15 -21.89
CA VAL A 724 14.83 -1.17 -21.38
C VAL A 724 15.53 -1.65 -20.11
N GLY A 725 16.81 -1.92 -20.22
CA GLY A 725 17.70 -2.08 -19.11
C GLY A 725 18.11 -3.34 -18.42
N LYS A 726 17.64 -4.47 -18.84
CA LYS A 726 18.06 -5.71 -18.22
C LYS A 726 17.35 -5.95 -16.95
N SER A 727 16.41 -5.09 -16.65
CA SER A 727 15.24 -5.40 -15.87
C SER A 727 14.26 -5.65 -16.98
N GLY A 728 14.53 -5.08 -18.13
CA GLY A 728 13.78 -5.39 -19.32
C GLY A 728 12.31 -5.01 -19.27
N ASN A 729 12.03 -3.78 -18.87
CA ASN A 729 10.65 -3.29 -18.75
C ASN A 729 10.21 -2.47 -19.96
N ILE A 730 8.95 -2.07 -19.94
CA ILE A 730 8.41 -1.14 -20.92
C ILE A 730 9.04 0.23 -20.69
N PRO A 731 9.28 0.98 -21.78
CA PRO A 731 9.91 2.30 -21.65
C PRO A 731 9.00 3.30 -20.95
N ALA A 732 9.58 4.33 -20.36
CA ALA A 732 8.81 5.37 -19.70
C ALA A 732 7.97 6.13 -20.71
N GLY A 733 6.66 6.19 -20.48
CA GLY A 733 5.75 6.86 -21.37
C GLY A 733 4.74 5.92 -22.00
N THR A 734 4.90 4.63 -21.69
CA THR A 734 4.00 3.60 -22.22
C THR A 734 2.58 3.78 -21.71
N THR A 735 1.67 4.09 -22.61
CA THR A 735 0.28 4.35 -22.24
C THR A 735 -0.67 3.33 -22.86
N VAL A 736 -1.51 2.73 -22.04
CA VAL A 736 -2.48 1.75 -22.51
C VAL A 736 -3.87 2.09 -22.04
N ASP A 737 -4.76 2.41 -22.99
CA ASP A 737 -6.14 2.72 -22.66
C ASP A 737 -7.11 1.90 -23.51
N THR A 738 -6.61 0.82 -24.09
CA THR A 738 -7.43 -0.05 -24.93
C THR A 738 -7.34 -1.51 -24.48
N LYS A 739 -8.22 -2.33 -25.05
CA LYS A 739 -8.18 -3.79 -24.89
C LYS A 739 -8.46 -4.28 -23.46
N ILE A 740 -7.66 -3.83 -22.49
CA ILE A 740 -7.76 -4.35 -21.13
C ILE A 740 -8.37 -3.37 -20.14
N THR A 741 -8.76 -2.19 -20.63
CA THR A 741 -9.32 -1.16 -19.76
C THR A 741 -10.83 -1.26 -19.62
N HIS A 742 -11.44 -0.30 -18.93
CA HIS A 742 -12.87 -0.30 -18.69
C HIS A 742 -13.64 -0.14 -20.00
N PRO A 743 -14.70 -0.94 -20.17
CA PRO A 743 -15.48 -0.93 -21.42
C PRO A 743 -16.19 0.40 -21.70
N THR A 744 -16.53 1.15 -20.66
CA THR A 744 -17.32 2.37 -20.84
C THR A 744 -16.70 3.62 -20.20
N GLU A 745 -15.98 3.43 -19.10
CA GLU A 745 -15.48 4.57 -18.32
C GLU A 745 -14.10 5.05 -18.74
N PHE A 746 -13.79 6.29 -18.37
CA PHE A 746 -12.52 6.92 -18.72
C PHE A 746 -11.41 6.45 -17.81
N ASP A 747 -10.66 5.44 -18.25
CA ASP A 747 -9.50 4.97 -17.50
C ASP A 747 -8.36 4.60 -18.43
N PHE A 748 -7.14 4.65 -17.92
CA PHE A 748 -5.96 4.28 -18.70
C PHE A 748 -4.79 3.85 -17.83
N TYR A 749 -3.83 3.16 -18.44
CA TYR A 749 -2.59 2.81 -17.77
C TYR A 749 -1.47 3.69 -18.28
N LEU A 750 -0.55 4.06 -17.39
CA LEU A 750 0.59 4.89 -17.76
C LEU A 750 1.81 4.58 -16.91
N CYS A 751 2.76 3.86 -17.50
CA CYS A 751 4.03 3.60 -16.83
C CYS A 751 4.96 4.77 -17.08
N SER A 752 4.90 5.77 -16.20
CA SER A 752 5.63 7.01 -16.39
C SER A 752 7.07 6.92 -15.91
N HIS A 753 7.41 5.84 -15.23
CA HIS A 753 8.75 5.69 -14.67
C HIS A 753 9.59 4.67 -15.42
N ALA A 754 10.90 4.76 -15.24
CA ALA A 754 11.83 3.81 -15.85
C ALA A 754 12.14 2.70 -14.86
N GLY A 755 11.77 1.47 -15.22
CA GLY A 755 12.01 0.32 -14.38
C GLY A 755 13.49 0.07 -14.14
N ILE A 756 13.89 0.03 -12.87
CA ILE A 756 15.28 -0.20 -12.53
C ILE A 756 15.51 -1.64 -12.09
N GLN A 757 14.53 -2.19 -11.37
CA GLN A 757 14.60 -3.58 -10.93
C GLN A 757 13.23 -4.24 -10.98
N GLY A 758 13.23 -5.56 -11.10
CA GLY A 758 11.99 -6.33 -11.12
C GLY A 758 11.05 -5.95 -12.24
N THR A 759 9.76 -6.03 -11.97
CA THR A 759 8.75 -5.67 -12.95
C THR A 759 8.06 -4.38 -12.56
N SER A 760 7.93 -3.47 -13.53
CA SER A 760 7.32 -2.17 -13.27
C SER A 760 5.82 -2.27 -13.05
N ARG A 761 5.28 -1.34 -12.28
CA ARG A 761 3.84 -1.23 -12.07
C ARG A 761 3.29 -0.09 -12.90
N PRO A 762 2.60 -0.41 -14.01
CA PRO A 762 1.94 0.62 -14.81
C PRO A 762 0.84 1.28 -13.99
N SER A 763 1.09 2.52 -13.54
CA SER A 763 0.12 3.24 -12.72
C SER A 763 -1.21 3.38 -13.45
N HIS A 764 -2.29 3.00 -12.79
CA HIS A 764 -3.62 3.10 -13.37
C HIS A 764 -4.31 4.39 -12.94
N TYR A 765 -5.02 5.02 -13.87
CA TYR A 765 -5.74 6.25 -13.58
C TYR A 765 -7.20 6.09 -14.01
N HIS A 766 -8.11 6.48 -13.13
CA HIS A 766 -9.54 6.35 -13.42
C HIS A 766 -10.26 7.67 -13.18
N VAL A 767 -10.81 8.25 -14.24
CA VAL A 767 -11.51 9.52 -14.13
C VAL A 767 -12.92 9.33 -13.57
N LEU A 768 -13.12 9.77 -12.33
CA LEU A 768 -14.41 9.64 -11.67
C LEU A 768 -15.31 10.83 -11.96
N TRP A 769 -14.69 11.95 -12.35
CA TRP A 769 -15.43 13.16 -12.67
C TRP A 769 -14.57 14.10 -13.49
N ASP A 770 -15.18 14.81 -14.43
CA ASP A 770 -14.43 15.71 -15.30
C ASP A 770 -15.31 16.77 -15.97
N ASP A 771 -15.41 17.93 -15.34
CA ASP A 771 -16.16 19.06 -15.88
C ASP A 771 -15.37 19.71 -17.02
N ASN A 772 -14.06 19.49 -17.01
CA ASN A 772 -13.16 20.16 -17.93
C ASN A 772 -13.18 19.61 -19.35
N ARG A 773 -13.95 18.55 -19.57
CA ARG A 773 -14.10 17.93 -20.88
C ARG A 773 -12.75 17.54 -21.49
N PHE A 774 -11.90 16.91 -20.69
CA PHE A 774 -10.58 16.47 -21.15
C PHE A 774 -10.69 15.41 -22.24
N SER A 775 -9.69 15.37 -23.12
CA SER A 775 -9.57 14.28 -24.08
C SER A 775 -8.60 13.26 -23.52
N SER A 776 -8.50 12.11 -24.18
CA SER A 776 -7.60 11.06 -23.73
C SER A 776 -6.14 11.51 -23.84
N ASP A 777 -5.77 12.03 -25.00
CA ASP A 777 -4.39 12.50 -25.23
C ASP A 777 -3.98 13.61 -24.27
N GLU A 778 -4.81 14.64 -24.15
CA GLU A 778 -4.48 15.80 -23.32
C GLU A 778 -4.29 15.42 -21.86
N LEU A 779 -5.20 14.60 -21.34
CA LEU A 779 -5.16 14.20 -19.93
C LEU A 779 -3.98 13.27 -19.65
N GLN A 780 -3.73 12.34 -20.56
CA GLN A 780 -2.63 11.40 -20.41
C GLN A 780 -1.28 12.10 -20.53
N ILE A 781 -1.17 13.03 -21.48
CA ILE A 781 0.05 13.82 -21.63
C ILE A 781 0.26 14.70 -20.40
N LEU A 782 -0.82 15.33 -19.93
CA LEU A 782 -0.77 16.16 -18.73
C LEU A 782 -0.30 15.36 -17.53
N THR A 783 -0.88 14.18 -17.35
CA THR A 783 -0.51 13.29 -16.25
C THR A 783 0.95 12.88 -16.36
N TYR A 784 1.42 12.71 -17.59
CA TYR A 784 2.79 12.27 -17.84
C TYR A 784 3.79 13.39 -17.54
N GLN A 785 3.45 14.61 -17.91
CA GLN A 785 4.33 15.75 -17.67
C GLN A 785 4.43 16.07 -16.18
N LEU A 786 3.35 15.81 -15.44
CA LEU A 786 3.33 16.06 -14.00
C LEU A 786 4.27 15.11 -13.25
N CYS A 787 4.65 14.01 -13.91
CA CYS A 787 5.59 13.06 -13.33
C CYS A 787 7.03 13.54 -13.52
N HIS A 788 7.19 14.64 -14.23
CA HIS A 788 8.51 15.22 -14.48
C HIS A 788 8.75 16.46 -13.63
N THR A 789 7.85 16.72 -12.68
CA THR A 789 7.97 17.90 -11.82
C THR A 789 8.40 17.51 -10.40
N TYR A 790 8.68 16.23 -10.19
CA TYR A 790 9.17 15.74 -8.92
C TYR A 790 10.60 16.25 -8.70
N VAL A 791 10.80 17.00 -7.63
CA VAL A 791 12.06 17.73 -7.43
C VAL A 791 13.16 16.93 -6.74
N ARG A 792 12.80 15.84 -6.08
CA ARG A 792 13.77 15.06 -5.32
C ARG A 792 14.69 14.23 -6.22
N CYS A 793 14.38 14.17 -7.51
CA CYS A 793 15.19 13.42 -8.45
C CYS A 793 15.07 13.97 -9.87
N THR A 794 16.10 13.73 -10.67
CA THR A 794 16.08 14.09 -12.08
C THR A 794 15.52 12.94 -12.91
N ARG A 795 14.46 12.32 -12.40
CA ARG A 795 13.82 11.20 -13.06
C ARG A 795 12.33 11.45 -13.22
N SER A 796 11.69 10.65 -14.08
CA SER A 796 10.24 10.65 -14.19
C SER A 796 9.69 9.58 -13.25
N VAL A 797 8.82 10.00 -12.33
CA VAL A 797 8.32 9.11 -11.30
C VAL A 797 7.04 8.36 -11.69
N SER A 798 6.68 7.37 -10.87
CA SER A 798 5.55 6.49 -11.16
C SER A 798 4.20 7.19 -11.07
N ILE A 799 4.08 8.10 -10.10
CA ILE A 799 2.85 8.88 -9.93
C ILE A 799 3.18 10.37 -10.03
N PRO A 800 2.20 11.18 -10.46
CA PRO A 800 2.40 12.63 -10.57
C PRO A 800 2.86 13.23 -9.25
N ALA A 801 3.68 14.29 -9.33
CA ALA A 801 4.23 14.95 -8.14
C ALA A 801 3.23 15.29 -7.02
N PRO A 802 2.03 15.82 -7.37
CA PRO A 802 1.05 16.09 -6.30
C PRO A 802 0.71 14.85 -5.48
N ALA A 803 0.49 13.72 -6.13
CA ALA A 803 0.17 12.49 -5.43
C ALA A 803 1.35 11.98 -4.62
N TYR A 804 2.55 12.20 -5.14
CA TYR A 804 3.77 11.74 -4.48
C TYR A 804 4.09 12.62 -3.28
N TYR A 805 3.93 13.92 -3.45
CA TYR A 805 4.15 14.88 -2.36
C TYR A 805 3.20 14.61 -1.20
N ALA A 806 1.95 14.29 -1.53
CA ALA A 806 0.93 14.00 -0.52
C ALA A 806 1.34 12.82 0.36
N HIS A 807 1.99 11.83 -0.26
CA HIS A 807 2.48 10.68 0.48
C HIS A 807 3.61 11.10 1.43
N LEU A 808 4.47 11.99 0.96
CA LEU A 808 5.58 12.47 1.76
C LEU A 808 5.10 13.28 2.95
N VAL A 809 4.03 14.05 2.75
CA VAL A 809 3.46 14.86 3.83
C VAL A 809 2.89 13.97 4.92
N ALA A 810 2.09 12.99 4.51
CA ALA A 810 1.47 12.06 5.45
C ALA A 810 2.49 11.11 6.06
N PHE A 811 3.71 11.10 5.51
CA PHE A 811 4.78 10.28 6.05
C PHE A 811 5.66 11.11 6.97
N ARG A 812 5.82 12.39 6.63
CA ARG A 812 6.55 13.33 7.49
C ARG A 812 5.72 13.60 8.74
N ALA A 813 4.40 13.63 8.56
CA ALA A 813 3.48 13.84 9.68
C ALA A 813 3.53 12.67 10.65
N ARG A 814 3.95 11.51 10.16
CA ARG A 814 4.07 10.33 11.00
C ARG A 814 5.32 10.42 11.87
N TYR A 815 6.27 11.25 11.46
CA TYR A 815 7.44 11.55 12.28
C TYR A 815 7.14 12.73 13.20
N HIS A 816 6.08 13.46 12.88
CA HIS A 816 5.61 14.55 13.74
C HIS A 816 4.81 13.99 14.90
N LEU A 817 4.51 12.69 14.83
CA LEU A 817 3.76 11.98 15.87
C LEU A 817 2.39 12.59 16.10
N HIS A 839 -6.90 13.46 21.68
CA HIS A 839 -6.95 13.95 20.32
C HIS A 839 -6.24 15.23 20.13
N GLN A 840 -6.89 16.33 20.43
CA GLN A 840 -6.66 17.60 19.77
C GLN A 840 -5.20 17.93 19.86
N ALA A 841 -4.50 17.26 20.76
CA ALA A 841 -3.09 17.35 20.83
C ALA A 841 -2.56 16.89 19.52
N LEU A 842 -3.16 15.83 19.01
CA LEU A 842 -2.73 15.22 17.79
C LEU A 842 -2.84 16.15 16.62
N ALA A 843 -3.92 16.89 16.55
CA ALA A 843 -4.10 17.83 15.49
C ALA A 843 -3.04 18.89 15.59
N LYS A 844 -2.71 19.28 16.81
CA LYS A 844 -1.66 20.26 17.08
C LYS A 844 -0.27 19.77 16.75
N ALA A 845 -0.01 18.51 17.03
CA ALA A 845 1.30 17.95 16.78
C ALA A 845 1.63 17.97 15.30
N VAL A 846 0.62 17.80 14.49
CA VAL A 846 0.71 17.73 13.06
C VAL A 846 0.68 19.13 12.43
N GLN A 847 0.45 20.16 13.21
CA GLN A 847 0.38 21.51 12.64
C GLN A 847 1.77 22.08 12.39
N VAL A 848 1.99 22.53 11.17
CA VAL A 848 3.29 23.06 10.75
C VAL A 848 3.42 24.54 11.11
N HIS A 849 4.62 24.93 11.54
CA HIS A 849 4.94 26.33 11.86
C HIS A 849 4.51 27.28 10.73
N GLN A 850 4.10 28.48 11.10
CA GLN A 850 3.46 29.41 10.17
C GLN A 850 4.32 29.80 8.97
N ASP A 851 5.63 29.87 9.16
CA ASP A 851 6.52 30.24 8.06
C ASP A 851 6.92 29.05 7.20
N THR A 852 6.93 27.86 7.80
CA THR A 852 7.17 26.64 7.04
C THR A 852 5.86 26.11 6.50
N LEU A 853 4.78 26.85 6.76
CA LEU A 853 3.44 26.49 6.27
C LEU A 853 3.36 26.66 4.76
N ARG A 854 4.20 27.54 4.22
CA ARG A 854 4.20 27.81 2.79
C ARG A 854 5.49 27.35 2.12
N THR A 855 6.06 26.25 2.61
CA THR A 855 7.27 25.69 2.02
C THR A 855 7.13 24.18 1.85
N MET A 856 7.89 23.63 0.90
CA MET A 856 7.93 22.20 0.70
C MET A 856 8.91 21.56 1.68
N TYR A 857 8.57 21.62 2.95
CA TYR A 857 9.40 21.08 4.03
C TYR A 857 9.50 19.57 3.93
N PHE A 858 8.48 18.96 3.34
CA PHE A 858 8.40 17.51 3.23
C PHE A 858 9.36 16.94 2.20
N ALA A 859 10.00 17.83 1.44
CA ALA A 859 10.92 17.43 0.37
C ALA A 859 12.05 16.55 0.89
#